data_5OKK
#
_entry.id   5OKK
#
_cell.length_a   107.260
_cell.length_b   68.520
_cell.length_c   153.060
_cell.angle_alpha   90.00
_cell.angle_beta   98.98
_cell.angle_gamma   90.00
#
_symmetry.space_group_name_H-M   'C 1 2 1'
#
loop_
_entity.id
_entity.type
_entity.pdbx_description
1 polymer 'Putative 6-phospho-beta-galactobiosidase'
2 non-polymer 6-O-phosphono-beta-D-galactopyranose
3 non-polymer GLYCEROL
4 non-polymer IMIDAZOLE
5 water water
#
_entity_poly.entity_id   1
_entity_poly.type   'polypeptide(L)'
_entity_poly.pdbx_seq_one_letter_code
;MIHHHHHHEHRHLKPFPPEFLWGAASAAYQVEGAWNEDGKGLSVWDVFAKQPGRTFKGTNGDVAVDHYHRYQEDVALMAE
MGLKAYRFSVSWSRVFPDGNGAVNEKGLDFYDRLIEELRNHGIEPIVTLYHWDVPQALMDAYGAWESRRIIDDFDRYAVT
LFQRFGDRVKYWVTLNEQNIFISFGYRLGLHPPGVKDMKRMYEANHIANLANAKVIQSFRHYVPDGKIGPSFAYSPMYPY
DSRPENVLAFENAEEFQNHWWMDVYAWGMYPQAAWNYLESQGLEPTVAPGDWELLQAAKPDFMGVNYYQTTTVEHNPPDG
VGEGVMNTTGKKGTSTSSGIPGLFKTVRNPHVDTTNWDWAIDPVGLRIGLRRIANRYQLPILITENGLGEFDTLEPGDIV
NDDYRIDYLRRHVQEIQRAITDGVDVLGYCAWSFTDLLSWLNGYQKRYGFVYVNRDDESEKDLRRIKKKSFYWYQRVIET
NGAEL
;
_entity_poly.pdbx_strand_id   A,B
#
loop_
_chem_comp.id
_chem_comp.type
_chem_comp.name
_chem_comp.formula
BGP D-saccharide, beta linking 6-O-phosphono-beta-D-galactopyranose 'C6 H13 O9 P'
GOL non-polymer GLYCEROL 'C3 H8 O3'
IMD non-polymer IMIDAZOLE 'C3 H5 N2 1'
#
# COMPACT_ATOMS: atom_id res chain seq x y z
N HIS A 12 -17.95 -20.03 2.50
CA HIS A 12 -16.95 -20.67 1.65
C HIS A 12 -15.52 -20.51 2.20
N LEU A 13 -15.35 -20.68 3.51
CA LEU A 13 -14.05 -20.46 4.11
C LEU A 13 -13.09 -21.59 3.78
N LYS A 14 -11.86 -21.22 3.44
CA LYS A 14 -10.81 -22.20 3.27
C LYS A 14 -10.40 -22.78 4.62
N PRO A 15 -10.04 -24.06 4.66
CA PRO A 15 -9.53 -24.62 5.91
C PRO A 15 -8.08 -24.19 6.14
N PHE A 16 -7.64 -24.33 7.39
CA PHE A 16 -6.24 -24.16 7.68
C PHE A 16 -5.45 -25.27 6.99
N PRO A 17 -4.25 -24.97 6.48
CA PRO A 17 -3.50 -25.98 5.74
C PRO A 17 -3.13 -27.16 6.61
N PRO A 18 -2.90 -28.33 6.01
CA PRO A 18 -2.69 -29.55 6.82
C PRO A 18 -1.57 -29.44 7.83
N GLU A 19 -0.53 -28.67 7.54
CA GLU A 19 0.61 -28.58 8.45
C GLU A 19 0.77 -27.15 8.98
N PHE A 20 -0.36 -26.49 9.19
CA PHE A 20 -0.36 -25.18 9.82
C PHE A 20 0.29 -25.26 11.20
N LEU A 21 1.24 -24.36 11.45
CA LEU A 21 2.01 -24.40 12.69
C LEU A 21 1.23 -23.67 13.78
N TRP A 22 0.39 -24.43 14.50
CA TRP A 22 -0.27 -23.95 15.70
C TRP A 22 0.77 -23.88 16.84
N GLY A 23 1.07 -22.68 17.31
CA GLY A 23 2.20 -22.49 18.20
C GLY A 23 1.84 -21.65 19.42
N ALA A 24 2.86 -21.50 20.27
CA ALA A 24 2.87 -20.55 21.37
C ALA A 24 4.31 -20.08 21.51
N ALA A 25 4.50 -18.99 22.25
CA ALA A 25 5.76 -18.28 22.19
C ALA A 25 6.19 -17.79 23.57
N SER A 26 7.50 -17.61 23.71
CA SER A 26 8.10 -16.96 24.86
C SER A 26 9.31 -16.17 24.39
N ALA A 27 9.99 -15.54 25.36
CA ALA A 27 11.26 -14.85 25.16
C ALA A 27 12.12 -15.12 26.38
N ALA A 28 13.43 -15.28 26.15
CA ALA A 28 14.34 -15.80 27.18
C ALA A 28 14.32 -14.96 28.45
N TYR A 29 14.47 -13.63 28.33
CA TYR A 29 14.58 -12.82 29.55
C TYR A 29 13.26 -12.85 30.34
N GLN A 30 12.14 -12.93 29.65
CA GLN A 30 10.85 -12.94 30.31
C GLN A 30 10.55 -14.27 31.03
N VAL A 31 11.26 -15.36 30.71
CA VAL A 31 10.80 -16.67 31.13
C VAL A 31 11.86 -17.49 31.87
N GLU A 32 13.12 -17.32 31.50
CA GLU A 32 14.15 -18.29 31.88
C GLU A 32 14.57 -18.21 33.35
N GLY A 33 14.77 -17.00 33.86
CA GLY A 33 15.45 -16.90 35.15
C GLY A 33 16.89 -17.34 35.00
N ALA A 34 17.44 -17.90 36.09
CA ALA A 34 18.83 -18.40 36.12
C ALA A 34 19.78 -17.37 35.49
N TRP A 35 19.64 -16.11 35.90
CA TRP A 35 20.29 -14.99 35.23
C TRP A 35 21.81 -15.01 35.37
N ASN A 36 22.35 -15.68 36.38
CA ASN A 36 23.80 -15.72 36.58
C ASN A 36 24.28 -17.14 36.83
N GLU A 37 23.62 -18.13 36.26
CA GLU A 37 23.96 -19.53 36.48
C GLU A 37 24.66 -20.10 35.26
N ASP A 38 25.49 -21.12 35.50
CA ASP A 38 26.09 -21.94 34.43
C ASP A 38 26.86 -21.06 33.44
N GLY A 39 27.52 -20.04 33.96
CA GLY A 39 28.42 -19.20 33.20
C GLY A 39 27.78 -18.08 32.42
N LYS A 40 26.47 -17.87 32.53
CA LYS A 40 25.81 -16.81 31.78
C LYS A 40 26.39 -15.44 32.16
N GLY A 41 26.59 -14.58 31.15
CA GLY A 41 27.01 -13.22 31.38
C GLY A 41 25.83 -12.28 31.54
N LEU A 42 26.12 -11.04 31.92
CA LEU A 42 25.08 -10.02 32.03
C LEU A 42 24.56 -9.64 30.64
N SER A 43 23.24 -9.54 30.52
CA SER A 43 22.63 -8.87 29.38
C SER A 43 22.31 -7.42 29.73
N VAL A 44 22.03 -6.61 28.70
CA VAL A 44 21.61 -5.23 28.95
C VAL A 44 20.34 -5.19 29.81
N TRP A 45 19.49 -6.21 29.73
CA TRP A 45 18.27 -6.18 30.55
C TRP A 45 18.51 -6.60 31.99
N ASP A 46 19.49 -7.48 32.27
CA ASP A 46 19.88 -7.73 33.66
C ASP A 46 20.27 -6.43 34.35
N VAL A 47 21.06 -5.60 33.66
CA VAL A 47 21.52 -4.35 34.24
C VAL A 47 20.36 -3.35 34.33
N PHE A 48 19.62 -3.19 33.23
CA PHE A 48 18.59 -2.16 33.13
C PHE A 48 17.47 -2.37 34.14
N ALA A 49 16.96 -3.60 34.24
CA ALA A 49 15.82 -3.85 35.13
C ALA A 49 16.19 -3.72 36.60
N LYS A 50 17.47 -3.80 36.93
CA LYS A 50 17.86 -3.57 38.32
C LYS A 50 18.11 -2.10 38.63
N GLN A 51 17.99 -1.21 37.63
CA GLN A 51 18.04 0.23 37.90
CA GLN A 51 18.04 0.22 37.91
C GLN A 51 16.71 0.69 38.48
N PRO A 52 16.72 1.51 39.53
CA PRO A 52 15.46 1.94 40.14
C PRO A 52 14.61 2.70 39.13
N GLY A 53 13.30 2.45 39.18
CA GLY A 53 12.37 3.15 38.33
C GLY A 53 12.20 2.62 36.92
N ARG A 54 12.98 1.62 36.49
CA ARG A 54 12.87 1.21 35.08
C ARG A 54 11.74 0.22 34.82
N THR A 55 11.35 -0.58 35.81
CA THR A 55 10.36 -1.63 35.60
C THR A 55 9.26 -1.54 36.64
N PHE A 56 8.16 -2.24 36.38
CA PHE A 56 7.00 -2.20 37.26
C PHE A 56 7.36 -2.76 38.64
N LYS A 57 7.23 -1.92 39.67
CA LYS A 57 7.54 -2.31 41.05
C LYS A 57 8.92 -2.92 41.19
N GLY A 58 9.84 -2.55 40.31
CA GLY A 58 11.18 -3.10 40.40
C GLY A 58 11.30 -4.56 40.02
N THR A 59 10.33 -5.12 39.29
CA THR A 59 10.43 -6.51 38.89
C THR A 59 11.55 -6.69 37.87
N ASN A 60 12.13 -7.88 37.86
CA ASN A 60 13.22 -8.22 36.94
C ASN A 60 13.15 -9.71 36.64
N GLY A 61 14.06 -10.17 35.79
CA GLY A 61 14.03 -11.53 35.31
C GLY A 61 15.06 -12.43 35.95
N ASP A 62 15.56 -12.05 37.14
CA ASP A 62 16.51 -12.89 37.87
C ASP A 62 15.98 -14.31 37.97
N VAL A 63 14.71 -14.44 38.33
CA VAL A 63 14.03 -15.73 38.42
C VAL A 63 12.98 -15.89 37.34
N ALA A 64 12.26 -14.81 37.02
CA ALA A 64 11.19 -14.86 36.04
C ALA A 64 10.21 -15.98 36.42
N VAL A 65 9.95 -16.95 35.54
CA VAL A 65 9.19 -18.14 35.94
C VAL A 65 10.06 -19.40 35.95
N ASP A 66 11.39 -19.24 35.99
CA ASP A 66 12.34 -20.32 36.24
C ASP A 66 12.25 -21.42 35.19
N HIS A 67 11.94 -21.03 33.95
CA HIS A 67 11.84 -21.98 32.85
C HIS A 67 13.17 -22.68 32.58
N TYR A 68 14.29 -22.02 32.90
CA TYR A 68 15.60 -22.62 32.70
C TYR A 68 15.72 -23.95 33.45
N HIS A 69 15.19 -24.02 34.67
CA HIS A 69 15.22 -25.26 35.43
C HIS A 69 13.99 -26.13 35.21
N ARG A 70 12.87 -25.53 34.79
CA ARG A 70 11.58 -26.23 34.70
C ARG A 70 11.16 -26.54 33.26
N TYR A 71 12.08 -26.43 32.29
CA TYR A 71 11.67 -26.58 30.89
C TYR A 71 11.04 -27.94 30.62
N GLN A 72 11.47 -28.99 31.31
CA GLN A 72 10.89 -30.32 31.04
C GLN A 72 9.41 -30.36 31.43
N GLU A 73 9.07 -29.80 32.58
CA GLU A 73 7.66 -29.64 32.94
C GLU A 73 6.90 -28.83 31.91
N ASP A 74 7.48 -27.71 31.47
CA ASP A 74 6.77 -26.86 30.53
C ASP A 74 6.57 -27.55 29.20
N VAL A 75 7.61 -28.24 28.69
CA VAL A 75 7.45 -28.95 27.43
C VAL A 75 6.42 -30.07 27.56
N ALA A 76 6.37 -30.74 28.72
CA ALA A 76 5.35 -31.78 28.89
C ALA A 76 3.96 -31.18 28.79
N LEU A 77 3.78 -29.97 29.33
CA LEU A 77 2.50 -29.28 29.19
C LEU A 77 2.24 -28.89 27.74
N MET A 78 3.28 -28.52 27.00
CA MET A 78 3.09 -28.23 25.58
C MET A 78 2.62 -29.47 24.83
N ALA A 79 3.20 -30.64 25.14
CA ALA A 79 2.78 -31.87 24.49
C ALA A 79 1.37 -32.24 24.89
N GLU A 80 1.02 -32.07 26.17
CA GLU A 80 -0.37 -32.26 26.57
C GLU A 80 -1.30 -31.40 25.73
N MET A 81 -0.96 -30.12 25.57
CA MET A 81 -1.77 -29.23 24.75
C MET A 81 -1.79 -29.68 23.30
N GLY A 82 -0.76 -30.40 22.85
CA GLY A 82 -0.67 -30.75 21.46
C GLY A 82 -0.08 -29.68 20.57
N LEU A 83 0.68 -28.75 21.14
CA LEU A 83 1.36 -27.72 20.34
C LEU A 83 2.11 -28.32 19.16
N LYS A 84 1.91 -27.73 17.98
CA LYS A 84 2.70 -28.11 16.82
C LYS A 84 4.07 -27.42 16.80
N ALA A 85 4.18 -26.25 17.44
CA ALA A 85 5.39 -25.46 17.35
C ALA A 85 5.53 -24.63 18.63
N TYR A 86 6.77 -24.40 19.04
CA TYR A 86 7.05 -23.57 20.19
C TYR A 86 8.12 -22.55 19.79
N ARG A 87 7.79 -21.28 19.88
CA ARG A 87 8.71 -20.20 19.57
C ARG A 87 9.36 -19.68 20.86
N PHE A 88 10.68 -19.73 20.91
CA PHE A 88 11.45 -19.24 22.05
C PHE A 88 12.65 -18.48 21.51
N SER A 89 13.27 -17.67 22.38
CA SER A 89 14.47 -16.97 21.99
C SER A 89 15.67 -17.56 22.72
N VAL A 90 16.84 -17.46 22.08
CA VAL A 90 18.10 -17.82 22.69
C VAL A 90 18.69 -16.60 23.37
N SER A 91 19.10 -16.77 24.63
CA SER A 91 19.77 -15.73 25.37
C SER A 91 21.22 -15.66 24.90
N TRP A 92 21.55 -14.62 24.14
CA TRP A 92 22.90 -14.44 23.62
C TRP A 92 23.95 -14.44 24.74
N SER A 93 23.64 -13.85 25.90
CA SER A 93 24.62 -13.84 26.99
C SER A 93 24.79 -15.21 27.66
N ARG A 94 23.86 -16.15 27.45
CA ARG A 94 24.14 -17.51 27.87
C ARG A 94 25.21 -18.16 27.01
N VAL A 95 25.24 -17.83 25.72
CA VAL A 95 26.11 -18.52 24.77
C VAL A 95 27.47 -17.83 24.66
N PHE A 96 27.46 -16.49 24.62
CA PHE A 96 28.67 -15.67 24.67
C PHE A 96 28.53 -14.78 25.90
N PRO A 97 29.04 -15.20 27.04
CA PRO A 97 28.94 -14.36 28.26
C PRO A 97 29.45 -12.93 28.07
N ASP A 98 30.53 -12.71 27.32
CA ASP A 98 31.00 -11.37 27.01
C ASP A 98 30.64 -10.94 25.59
N GLY A 99 29.63 -11.54 24.99
CA GLY A 99 29.15 -11.10 23.70
C GLY A 99 29.90 -11.64 22.51
N ASN A 100 31.24 -11.67 22.55
CA ASN A 100 31.98 -12.02 21.33
C ASN A 100 33.26 -12.80 21.59
N GLY A 101 33.50 -13.31 22.80
CA GLY A 101 34.69 -14.07 23.12
C GLY A 101 34.48 -15.57 22.92
N ALA A 102 34.87 -16.36 23.91
CA ALA A 102 34.74 -17.80 23.84
C ALA A 102 33.31 -18.22 24.18
N VAL A 103 32.88 -19.34 23.56
CA VAL A 103 31.53 -19.84 23.73
C VAL A 103 31.38 -20.53 25.07
N ASN A 104 30.26 -20.29 25.73
CA ASN A 104 29.89 -20.99 26.97
C ASN A 104 29.14 -22.26 26.56
N GLU A 105 29.81 -23.41 26.64
CA GLU A 105 29.17 -24.65 26.15
C GLU A 105 27.95 -25.04 26.99
N LYS A 106 27.97 -24.74 28.30
CA LYS A 106 26.80 -25.00 29.13
C LYS A 106 25.59 -24.23 28.65
N GLY A 107 25.81 -23.01 28.14
CA GLY A 107 24.72 -22.26 27.57
C GLY A 107 24.14 -22.91 26.33
N LEU A 108 25.02 -23.33 25.40
CA LEU A 108 24.55 -24.08 24.24
C LEU A 108 23.89 -25.38 24.67
N ASP A 109 24.40 -26.03 25.72
CA ASP A 109 23.82 -27.30 26.13
C ASP A 109 22.38 -27.16 26.60
N PHE A 110 22.03 -26.02 27.22
CA PHE A 110 20.64 -25.83 27.64
C PHE A 110 19.70 -25.80 26.44
N TYR A 111 20.04 -25.03 25.41
CA TYR A 111 19.16 -24.98 24.25
C TYR A 111 19.14 -26.30 23.50
N ASP A 112 20.24 -27.05 23.54
CA ASP A 112 20.25 -28.39 22.95
C ASP A 112 19.28 -29.31 23.67
N ARG A 113 19.29 -29.28 25.01
CA ARG A 113 18.37 -30.11 25.79
C ARG A 113 16.92 -29.69 25.56
N LEU A 114 16.68 -28.38 25.46
CA LEU A 114 15.34 -27.87 25.19
C LEU A 114 14.85 -28.34 23.83
N ILE A 115 15.71 -28.20 22.81
CA ILE A 115 15.33 -28.58 21.45
C ILE A 115 15.11 -30.09 21.37
N GLU A 116 16.00 -30.86 21.98
CA GLU A 116 15.80 -32.32 22.03
C GLU A 116 14.49 -32.66 22.72
N GLU A 117 14.20 -31.97 23.83
CA GLU A 117 12.95 -32.19 24.56
C GLU A 117 11.75 -31.88 23.69
N LEU A 118 11.79 -30.77 22.94
CA LEU A 118 10.71 -30.43 22.01
C LEU A 118 10.55 -31.49 20.93
N ARG A 119 11.66 -31.89 20.30
CA ARG A 119 11.55 -32.80 19.17
C ARG A 119 11.12 -34.19 19.61
N ASN A 120 11.52 -34.60 20.81
CA ASN A 120 11.06 -35.88 21.36
C ASN A 120 9.56 -35.89 21.58
N HIS A 121 8.92 -34.73 21.70
CA HIS A 121 7.46 -34.68 21.81
C HIS A 121 6.79 -34.25 20.53
N GLY A 122 7.50 -34.23 19.41
CA GLY A 122 6.88 -33.91 18.14
C GLY A 122 6.60 -32.44 17.91
N ILE A 123 7.24 -31.55 18.66
CA ILE A 123 7.00 -30.11 18.59
C ILE A 123 8.09 -29.47 17.73
N GLU A 124 7.68 -28.62 16.80
CA GLU A 124 8.64 -27.92 15.93
C GLU A 124 9.27 -26.73 16.68
N PRO A 125 10.59 -26.68 16.80
CA PRO A 125 11.21 -25.47 17.38
C PRO A 125 11.19 -24.32 16.40
N ILE A 126 10.84 -23.13 16.90
CA ILE A 126 11.00 -21.89 16.14
C ILE A 126 11.92 -21.00 16.96
N VAL A 127 13.13 -20.75 16.48
CA VAL A 127 14.15 -20.09 17.27
C VAL A 127 14.23 -18.62 16.85
N THR A 128 14.07 -17.73 17.84
CA THR A 128 14.32 -16.30 17.70
C THR A 128 15.77 -16.04 18.06
N LEU A 129 16.56 -15.50 17.13
CA LEU A 129 17.95 -15.20 17.45
C LEU A 129 18.06 -14.09 18.48
N TYR A 130 17.25 -13.04 18.34
CA TYR A 130 17.43 -11.83 19.15
C TYR A 130 16.08 -11.35 19.66
N HIS A 131 15.89 -11.47 20.96
CA HIS A 131 14.72 -10.88 21.60
C HIS A 131 15.23 -9.96 22.71
N TRP A 132 16.01 -8.95 22.34
CA TRP A 132 16.26 -7.71 23.08
C TRP A 132 17.40 -7.76 24.10
N ASP A 133 18.08 -8.90 24.26
CA ASP A 133 19.01 -9.08 25.36
C ASP A 133 20.48 -9.16 24.92
N VAL A 134 20.94 -8.18 24.15
CA VAL A 134 22.35 -8.14 23.75
C VAL A 134 23.23 -8.15 25.01
N PRO A 135 24.33 -8.90 25.03
CA PRO A 135 25.16 -8.93 26.24
C PRO A 135 25.67 -7.54 26.62
N GLN A 136 25.73 -7.27 27.93
CA GLN A 136 26.16 -5.96 28.41
C GLN A 136 27.61 -5.66 28.02
N ALA A 137 28.46 -6.70 27.90
CA ALA A 137 29.84 -6.50 27.48
C ALA A 137 29.94 -5.79 26.13
N LEU A 138 29.04 -6.10 25.19
CA LEU A 138 29.06 -5.42 23.89
C LEU A 138 28.58 -3.99 24.03
N MET A 139 27.61 -3.76 24.91
CA MET A 139 27.21 -2.37 25.19
C MET A 139 28.39 -1.61 25.78
N ASP A 140 29.11 -2.21 26.74
CA ASP A 140 30.25 -1.55 27.38
C ASP A 140 31.39 -1.34 26.40
N ALA A 141 31.63 -2.31 25.51
CA ALA A 141 32.78 -2.26 24.63
C ALA A 141 32.63 -1.20 23.55
N TYR A 142 31.45 -1.15 22.91
CA TYR A 142 31.29 -0.26 21.77
C TYR A 142 29.88 0.26 21.58
N GLY A 143 29.00 0.14 22.56
CA GLY A 143 27.69 0.71 22.43
C GLY A 143 26.69 -0.17 21.72
N ALA A 144 26.99 -1.47 21.60
CA ALA A 144 26.09 -2.47 21.01
C ALA A 144 25.51 -2.04 19.67
N TRP A 145 24.19 -1.79 19.59
CA TRP A 145 23.52 -1.62 18.29
C TRP A 145 23.90 -0.32 17.59
N GLU A 146 24.54 0.62 18.29
CA GLU A 146 24.99 1.85 17.69
C GLU A 146 26.33 1.71 16.97
N SER A 147 26.94 0.54 16.97
CA SER A 147 28.21 0.34 16.29
C SER A 147 28.10 -0.74 15.22
N ARG A 148 28.74 -0.51 14.06
CA ARG A 148 28.76 -1.55 13.04
C ARG A 148 29.50 -2.80 13.50
N ARG A 149 30.26 -2.73 14.59
CA ARG A 149 30.89 -3.94 15.13
C ARG A 149 29.87 -4.99 15.50
N ILE A 150 28.63 -4.59 15.81
CA ILE A 150 27.65 -5.58 16.20
C ILE A 150 27.22 -6.43 15.01
N ILE A 151 27.45 -5.98 13.78
CA ILE A 151 27.05 -6.78 12.62
C ILE A 151 27.84 -8.08 12.58
N ASP A 152 29.16 -8.00 12.76
CA ASP A 152 29.97 -9.21 12.75
C ASP A 152 29.78 -10.01 14.03
N ASP A 153 29.56 -9.34 15.17
CA ASP A 153 29.38 -10.06 16.43
C ASP A 153 28.04 -10.79 16.46
N PHE A 154 26.98 -10.18 15.92
CA PHE A 154 25.70 -10.87 15.81
C PHE A 154 25.79 -12.01 14.82
N ASP A 155 26.53 -11.82 13.72
CA ASP A 155 26.75 -12.89 12.74
C ASP A 155 27.50 -14.08 13.36
N ARG A 156 28.54 -13.81 14.16
CA ARG A 156 29.24 -14.91 14.82
C ARG A 156 28.29 -15.71 15.72
N TYR A 157 27.44 -15.00 16.46
CA TYR A 157 26.49 -15.68 17.34
C TYR A 157 25.44 -16.45 16.54
N ALA A 158 24.91 -15.85 15.46
CA ALA A 158 23.90 -16.54 14.67
C ALA A 158 24.47 -17.80 14.03
N VAL A 159 25.66 -17.71 13.43
CA VAL A 159 26.23 -18.89 12.78
C VAL A 159 26.57 -19.96 13.80
N THR A 160 26.97 -19.56 15.01
CA THR A 160 27.16 -20.55 16.07
C THR A 160 25.89 -21.39 16.29
N LEU A 161 24.74 -20.72 16.36
CA LEU A 161 23.46 -21.42 16.52
C LEU A 161 23.07 -22.18 15.25
N PHE A 162 23.26 -21.56 14.09
CA PHE A 162 22.92 -22.23 12.82
C PHE A 162 23.64 -23.58 12.73
N GLN A 163 24.94 -23.59 13.04
CA GLN A 163 25.71 -24.82 12.91
C GLN A 163 25.32 -25.84 13.96
N ARG A 164 25.05 -25.40 15.19
CA ARG A 164 24.72 -26.34 16.27
C ARG A 164 23.31 -26.90 16.10
N PHE A 165 22.36 -26.09 15.64
CA PHE A 165 20.97 -26.51 15.66
C PHE A 165 20.31 -26.58 14.30
N GLY A 166 21.01 -26.20 13.21
CA GLY A 166 20.35 -26.13 11.91
C GLY A 166 19.83 -27.46 11.41
N ASP A 167 20.45 -28.56 11.85
CA ASP A 167 19.96 -29.89 11.49
C ASP A 167 18.58 -30.16 12.07
N ARG A 168 18.19 -29.43 13.11
CA ARG A 168 17.01 -29.77 13.88
C ARG A 168 15.98 -28.65 13.93
N VAL A 169 16.34 -27.43 13.56
CA VAL A 169 15.43 -26.30 13.58
C VAL A 169 15.33 -25.78 12.16
N LYS A 170 14.12 -25.73 11.61
CA LYS A 170 13.99 -25.19 10.27
C LYS A 170 13.48 -23.77 10.23
N TYR A 171 12.73 -23.33 11.24
CA TYR A 171 12.14 -22.01 11.30
C TYR A 171 12.91 -21.12 12.26
N TRP A 172 13.36 -19.97 11.77
CA TRP A 172 14.20 -19.07 12.54
C TRP A 172 13.68 -17.65 12.38
N VAL A 173 13.71 -16.88 13.45
CA VAL A 173 13.41 -15.45 13.41
C VAL A 173 14.70 -14.71 13.73
N THR A 174 14.99 -13.65 12.97
CA THR A 174 16.21 -12.91 13.23
C THR A 174 16.02 -11.94 14.40
N LEU A 175 15.49 -10.77 14.09
CA LEU A 175 15.29 -9.74 15.12
C LEU A 175 13.81 -9.72 15.49
N ASN A 176 13.53 -9.85 16.78
CA ASN A 176 12.16 -9.67 17.26
C ASN A 176 11.88 -8.18 17.46
N GLU A 177 10.93 -7.65 16.70
CA GLU A 177 10.42 -6.30 16.88
C GLU A 177 11.55 -5.27 16.94
N GLN A 178 12.33 -5.23 15.87
CA GLN A 178 13.38 -4.23 15.76
C GLN A 178 12.83 -2.83 15.98
N ASN A 179 11.63 -2.57 15.47
CA ASN A 179 11.02 -1.26 15.64
C ASN A 179 10.76 -0.94 17.11
N ILE A 180 10.54 -1.95 17.96
CA ILE A 180 10.28 -1.66 19.36
C ILE A 180 11.58 -1.47 20.13
N PHE A 181 12.51 -2.46 20.06
CA PHE A 181 13.67 -2.34 20.94
C PHE A 181 14.56 -1.18 20.52
N ILE A 182 14.56 -0.81 19.24
CA ILE A 182 15.34 0.36 18.81
C ILE A 182 14.66 1.65 19.25
N SER A 183 13.35 1.79 18.98
CA SER A 183 12.71 3.06 19.32
C SER A 183 12.53 3.21 20.83
N PHE A 184 12.21 2.12 21.54
CA PHE A 184 12.15 2.21 22.98
C PHE A 184 13.52 2.42 23.60
N GLY A 185 14.57 1.88 22.97
CA GLY A 185 15.88 2.00 23.59
C GLY A 185 16.59 3.31 23.30
N TYR A 186 16.19 3.98 22.20
CA TYR A 186 16.95 5.11 21.66
C TYR A 186 16.12 6.36 21.39
N ARG A 187 14.80 6.26 21.34
CA ARG A 187 13.92 7.41 21.19
C ARG A 187 13.09 7.66 22.44
N LEU A 188 12.47 6.63 23.00
CA LEU A 188 11.63 6.80 24.16
C LEU A 188 12.37 6.60 25.49
N GLY A 189 13.56 6.01 25.48
CA GLY A 189 14.28 5.82 26.73
C GLY A 189 13.68 4.81 27.69
N LEU A 190 12.78 3.92 27.22
CA LEU A 190 12.08 2.97 28.08
C LEU A 190 12.71 1.59 28.12
N HIS A 191 13.60 1.29 27.18
CA HIS A 191 14.39 0.07 27.13
C HIS A 191 15.85 0.48 27.17
N PRO A 192 16.77 -0.47 27.50
CA PRO A 192 18.20 -0.16 27.41
C PRO A 192 18.59 0.20 25.96
N PRO A 193 19.52 1.16 25.79
CA PRO A 193 20.28 1.83 26.85
C PRO A 193 19.60 3.06 27.49
N GLY A 194 18.31 3.29 27.29
CA GLY A 194 17.69 4.42 27.95
C GLY A 194 17.94 5.76 27.28
N VAL A 195 18.18 5.79 25.98
CA VAL A 195 18.55 6.99 25.24
C VAL A 195 17.29 7.62 24.65
N LYS A 196 17.27 8.96 24.54
CA LYS A 196 16.18 9.73 23.93
C LYS A 196 16.80 10.67 22.90
N ASP A 197 17.13 10.13 21.72
CA ASP A 197 17.89 10.88 20.73
C ASP A 197 17.49 10.34 19.37
N MET A 198 16.76 11.13 18.60
CA MET A 198 16.22 10.60 17.35
C MET A 198 17.32 10.26 16.34
N LYS A 199 18.37 11.08 16.27
CA LYS A 199 19.48 10.78 15.37
C LYS A 199 20.13 9.44 15.71
N ARG A 200 20.40 9.20 17.00
CA ARG A 200 21.02 7.94 17.39
C ARG A 200 20.09 6.77 17.11
N MET A 201 18.79 6.98 17.29
CA MET A 201 17.85 5.91 17.05
C MET A 201 17.90 5.45 15.59
N TYR A 202 17.89 6.39 14.63
CA TYR A 202 17.89 6.00 13.22
C TYR A 202 19.23 5.40 12.80
N GLU A 203 20.33 5.81 13.44
CA GLU A 203 21.63 5.16 13.19
C GLU A 203 21.63 3.72 13.68
N ALA A 204 21.23 3.50 14.94
CA ALA A 204 21.16 2.13 15.46
C ALA A 204 20.19 1.30 14.63
N ASN A 205 19.08 1.90 14.19
CA ASN A 205 18.12 1.15 13.39
C ASN A 205 18.73 0.70 12.07
N HIS A 206 19.53 1.55 11.45
CA HIS A 206 20.17 1.19 10.19
C HIS A 206 21.19 0.08 10.39
N ILE A 207 21.97 0.16 11.47
CA ILE A 207 22.90 -0.91 11.78
C ILE A 207 22.16 -2.23 11.98
N ALA A 208 21.01 -2.19 12.68
CA ALA A 208 20.24 -3.42 12.89
C ALA A 208 19.70 -3.99 11.58
N ASN A 209 19.28 -3.12 10.65
CA ASN A 209 18.90 -3.59 9.32
C ASN A 209 20.04 -4.33 8.65
N LEU A 210 21.26 -3.81 8.77
CA LEU A 210 22.43 -4.47 8.18
C LEU A 210 22.72 -5.79 8.86
N ALA A 211 22.57 -5.85 10.19
CA ALA A 211 22.79 -7.10 10.90
C ALA A 211 21.76 -8.14 10.52
N ASN A 212 20.50 -7.72 10.31
CA ASN A 212 19.45 -8.62 9.84
C ASN A 212 19.79 -9.21 8.48
N ALA A 213 20.15 -8.32 7.52
CA ALA A 213 20.50 -8.78 6.18
C ALA A 213 21.70 -9.72 6.20
N LYS A 214 22.71 -9.39 7.01
CA LYS A 214 23.92 -10.19 7.05
C LYS A 214 23.65 -11.61 7.54
N VAL A 215 22.83 -11.77 8.58
CA VAL A 215 22.60 -13.12 9.09
CA VAL A 215 22.56 -13.10 9.10
C VAL A 215 21.68 -13.91 8.15
N ILE A 216 20.79 -13.24 7.43
CA ILE A 216 20.00 -13.96 6.42
C ILE A 216 20.92 -14.46 5.32
N GLN A 217 21.94 -13.68 4.96
CA GLN A 217 22.91 -14.17 3.99
C GLN A 217 23.65 -15.38 4.53
N SER A 218 24.15 -15.29 5.78
CA SER A 218 24.80 -16.45 6.38
C SER A 218 23.87 -17.65 6.45
N PHE A 219 22.60 -17.42 6.76
CA PHE A 219 21.64 -18.51 6.91
C PHE A 219 21.52 -19.33 5.62
N ARG A 220 21.56 -18.66 4.47
CA ARG A 220 21.46 -19.35 3.19
C ARG A 220 22.62 -20.31 2.98
N HIS A 221 23.78 -20.02 3.58
CA HIS A 221 24.92 -20.92 3.49
C HIS A 221 24.85 -22.04 4.52
N TYR A 222 24.48 -21.75 5.77
CA TYR A 222 24.56 -22.75 6.81
C TYR A 222 23.28 -23.56 6.98
N VAL A 223 22.12 -23.01 6.62
CA VAL A 223 20.86 -23.77 6.73
C VAL A 223 20.13 -23.67 5.39
N PRO A 224 20.67 -24.28 4.33
CA PRO A 224 20.08 -24.07 3.00
C PRO A 224 18.65 -24.53 2.89
N ASP A 225 18.20 -25.43 3.76
CA ASP A 225 16.83 -25.93 3.70
C ASP A 225 15.89 -25.23 4.68
N GLY A 226 16.38 -24.25 5.45
CA GLY A 226 15.57 -23.62 6.48
C GLY A 226 14.74 -22.46 5.98
N LYS A 227 13.92 -21.91 6.89
CA LYS A 227 13.14 -20.72 6.61
C LYS A 227 13.46 -19.64 7.65
N ILE A 228 13.63 -18.41 7.19
CA ILE A 228 14.07 -17.34 8.10
C ILE A 228 13.36 -16.04 7.73
N GLY A 229 13.08 -15.23 8.76
CA GLY A 229 12.49 -13.92 8.57
C GLY A 229 12.62 -13.10 9.85
N PRO A 230 12.48 -11.79 9.73
CA PRO A 230 12.34 -10.94 10.91
C PRO A 230 10.91 -11.00 11.43
N SER A 231 10.72 -10.60 12.70
CA SER A 231 9.39 -10.50 13.29
C SER A 231 9.07 -9.03 13.59
N PHE A 232 8.18 -8.44 12.81
CA PHE A 232 7.87 -7.03 12.92
C PHE A 232 6.71 -6.81 13.90
N ALA A 233 6.82 -5.80 14.75
CA ALA A 233 5.71 -5.42 15.63
C ALA A 233 4.77 -4.53 14.81
N TYR A 234 3.73 -5.14 14.25
CA TYR A 234 2.87 -4.50 13.26
C TYR A 234 1.61 -3.97 13.94
N SER A 235 1.46 -2.66 13.97
CA SER A 235 0.17 -2.05 14.31
C SER A 235 -0.35 -1.37 13.06
N PRO A 236 -1.28 -1.97 12.31
CA PRO A 236 -1.80 -1.31 11.10
C PRO A 236 -2.52 -0.02 11.47
N MET A 237 -2.29 1.01 10.67
CA MET A 237 -2.87 2.32 10.94
C MET A 237 -4.21 2.46 10.23
N TYR A 238 -5.11 3.22 10.86
CA TYR A 238 -6.43 3.65 10.38
C TYR A 238 -6.49 5.17 10.35
N PRO A 239 -7.11 5.79 9.35
CA PRO A 239 -7.49 7.19 9.51
C PRO A 239 -8.71 7.29 10.40
N TYR A 240 -8.80 8.42 11.12
CA TYR A 240 -9.93 8.65 12.01
C TYR A 240 -11.24 8.77 11.23
N ASP A 241 -11.23 9.51 10.14
CA ASP A 241 -12.40 9.60 9.26
C ASP A 241 -11.91 9.93 7.85
N SER A 242 -12.85 10.27 6.98
CA SER A 242 -12.54 10.54 5.58
C SER A 242 -12.14 11.98 5.31
N ARG A 243 -11.93 12.79 6.34
CA ARG A 243 -11.36 14.11 6.09
C ARG A 243 -10.01 13.92 5.40
N PRO A 244 -9.77 14.56 4.24
CA PRO A 244 -8.51 14.31 3.53
C PRO A 244 -7.28 14.50 4.39
N GLU A 245 -7.26 15.51 5.27
CA GLU A 245 -6.10 15.72 6.13
C GLU A 245 -5.86 14.54 7.09
N ASN A 246 -6.92 13.87 7.52
CA ASN A 246 -6.74 12.68 8.37
C ASN A 246 -6.29 11.47 7.57
N VAL A 247 -6.74 11.35 6.31
CA VAL A 247 -6.26 10.27 5.45
C VAL A 247 -4.79 10.49 5.15
N LEU A 248 -4.38 11.74 4.99
CA LEU A 248 -2.97 12.03 4.77
C LEU A 248 -2.16 11.69 6.01
N ALA A 249 -2.68 12.00 7.19
CA ALA A 249 -2.00 11.61 8.43
C ALA A 249 -1.83 10.10 8.49
N PHE A 250 -2.85 9.37 8.05
CA PHE A 250 -2.80 7.92 7.97
C PHE A 250 -1.71 7.44 7.00
N GLU A 251 -1.61 8.07 5.82
CA GLU A 251 -0.51 7.76 4.89
C GLU A 251 0.84 7.99 5.55
N ASN A 252 1.01 9.14 6.23
CA ASN A 252 2.25 9.44 6.95
C ASN A 252 2.52 8.40 8.03
N ALA A 253 1.50 8.06 8.82
CA ALA A 253 1.69 7.09 9.89
C ALA A 253 2.09 5.71 9.35
N GLU A 254 1.36 5.19 8.37
CA GLU A 254 1.69 3.86 7.84
C GLU A 254 3.10 3.84 7.26
N GLU A 255 3.55 4.93 6.67
CA GLU A 255 4.89 4.97 6.10
C GLU A 255 5.98 5.12 7.16
N PHE A 256 5.79 6.01 8.16
CA PHE A 256 6.83 6.22 9.17
C PHE A 256 6.88 5.09 10.21
N GLN A 257 5.74 4.51 10.54
CA GLN A 257 5.69 3.47 11.58
C GLN A 257 5.86 2.08 11.03
N ASN A 258 5.41 1.83 9.80
CA ASN A 258 5.35 0.47 9.29
C ASN A 258 6.24 0.26 8.08
N HIS A 259 6.06 1.03 7.00
CA HIS A 259 6.87 0.85 5.80
C HIS A 259 8.36 1.08 6.07
N TRP A 260 8.68 2.00 7.01
CA TRP A 260 10.08 2.26 7.33
C TRP A 260 10.84 0.98 7.62
N TRP A 261 10.20 0.01 8.28
CA TRP A 261 10.83 -1.27 8.54
C TRP A 261 10.50 -2.32 7.49
N MET A 262 9.23 -2.48 7.15
CA MET A 262 8.87 -3.63 6.31
C MET A 262 9.36 -3.47 4.87
N ASP A 263 9.40 -2.24 4.33
CA ASP A 263 10.00 -2.03 3.02
C ASP A 263 11.48 -2.43 3.02
N VAL A 264 12.19 -2.15 4.11
CA VAL A 264 13.59 -2.57 4.18
C VAL A 264 13.69 -4.09 4.21
N TYR A 265 12.84 -4.73 5.01
CA TYR A 265 12.86 -6.18 5.12
C TYR A 265 12.56 -6.85 3.78
N ALA A 266 11.54 -6.36 3.07
CA ALA A 266 11.06 -7.01 1.86
C ALA A 266 11.82 -6.57 0.61
N TRP A 267 12.12 -5.28 0.51
CA TRP A 267 12.70 -4.71 -0.70
C TRP A 267 14.10 -4.19 -0.52
N GLY A 268 14.60 -4.07 0.71
CA GLY A 268 15.90 -3.48 0.91
C GLY A 268 15.98 -1.99 0.66
N MET A 269 14.86 -1.27 0.78
CA MET A 269 14.85 0.16 0.52
C MET A 269 14.00 0.87 1.56
N TYR A 270 14.48 2.02 2.04
CA TYR A 270 13.64 2.89 2.85
C TYR A 270 12.61 3.62 1.98
N PRO A 271 11.40 3.86 2.49
CA PRO A 271 10.43 4.65 1.72
C PRO A 271 10.88 6.09 1.60
N GLN A 272 10.59 6.69 0.44
CA GLN A 272 11.24 7.94 0.08
C GLN A 272 10.67 9.14 0.83
N ALA A 273 9.35 9.22 1.01
CA ALA A 273 8.80 10.39 1.71
C ALA A 273 9.31 10.48 3.14
N ALA A 274 9.41 9.34 3.84
CA ALA A 274 9.97 9.36 5.19
C ALA A 274 11.45 9.71 5.18
N TRP A 275 12.21 9.13 4.24
CA TRP A 275 13.63 9.48 4.13
C TRP A 275 13.82 10.98 3.92
N ASN A 276 13.08 11.56 2.97
CA ASN A 276 13.21 12.99 2.68
C ASN A 276 12.88 13.83 3.89
N TYR A 277 11.88 13.42 4.67
CA TYR A 277 11.54 14.16 5.89
C TYR A 277 12.66 14.06 6.92
N LEU A 278 13.26 12.88 7.07
CA LEU A 278 14.39 12.75 8.00
C LEU A 278 15.60 13.53 7.50
N GLU A 279 15.89 13.44 6.19
CA GLU A 279 17.01 14.18 5.61
C GLU A 279 16.84 15.68 5.82
N SER A 280 15.61 16.19 5.66
CA SER A 280 15.35 17.61 5.88
C SER A 280 15.69 18.03 7.30
N GLN A 281 15.91 17.10 8.21
CA GLN A 281 16.31 17.46 9.58
C GLN A 281 17.65 16.89 9.96
N GLY A 282 18.42 16.35 9.03
CA GLY A 282 19.67 15.75 9.41
C GLY A 282 19.53 14.53 10.28
N LEU A 283 18.39 13.84 10.23
CA LEU A 283 18.14 12.66 11.05
C LEU A 283 18.32 11.36 10.27
N GLU A 284 18.51 11.41 8.96
CA GLU A 284 18.67 10.22 8.17
C GLU A 284 19.95 9.49 8.61
N PRO A 285 19.96 8.16 8.54
CA PRO A 285 21.13 7.41 8.98
C PRO A 285 22.31 7.59 8.03
N THR A 286 23.48 7.25 8.55
CA THR A 286 24.71 7.25 7.76
C THR A 286 24.79 5.96 6.96
N VAL A 287 24.83 6.09 5.63
CA VAL A 287 24.87 4.95 4.74
C VAL A 287 26.30 4.81 4.21
N ALA A 288 26.87 3.70 4.41
CA ALA A 288 28.17 3.34 3.89
C ALA A 288 28.04 2.68 2.51
N PRO A 289 29.07 2.78 1.68
CA PRO A 289 29.06 2.02 0.42
C PRO A 289 28.95 0.53 0.68
N GLY A 290 28.10 -0.13 -0.08
CA GLY A 290 27.78 -1.53 0.14
C GLY A 290 26.55 -1.78 0.99
N ASP A 291 26.09 -0.78 1.75
CA ASP A 291 24.90 -0.97 2.58
C ASP A 291 23.70 -1.41 1.73
N TRP A 292 23.39 -0.64 0.67
CA TRP A 292 22.20 -0.93 -0.13
C TRP A 292 22.28 -2.29 -0.79
N GLU A 293 23.46 -2.67 -1.27
CA GLU A 293 23.63 -3.98 -1.89
C GLU A 293 23.33 -5.10 -0.89
N LEU A 294 23.84 -4.97 0.35
CA LEU A 294 23.56 -5.98 1.37
C LEU A 294 22.06 -6.04 1.69
N LEU A 295 21.43 -4.87 1.89
CA LEU A 295 20.02 -4.87 2.26
C LEU A 295 19.14 -5.43 1.14
N GLN A 296 19.55 -5.23 -0.11
CA GLN A 296 18.73 -5.68 -1.23
C GLN A 296 18.98 -7.14 -1.59
N ALA A 297 20.01 -7.77 -1.05
CA ALA A 297 20.37 -9.15 -1.35
C ALA A 297 20.15 -10.08 -0.16
N ALA A 298 19.11 -9.82 0.63
CA ALA A 298 18.81 -10.65 1.79
C ALA A 298 17.30 -10.87 1.93
N LYS A 299 16.69 -11.44 0.90
CA LYS A 299 15.27 -11.68 0.93
C LYS A 299 14.93 -12.73 1.99
N PRO A 300 13.89 -12.51 2.79
CA PRO A 300 13.49 -13.49 3.80
C PRO A 300 12.45 -14.45 3.22
N ASP A 301 12.25 -15.56 3.94
CA ASP A 301 11.25 -16.52 3.47
C ASP A 301 9.83 -16.11 3.84
N PHE A 302 9.67 -15.35 4.92
CA PHE A 302 8.37 -14.93 5.41
C PHE A 302 8.54 -13.59 6.11
N MET A 303 7.45 -12.86 6.24
CA MET A 303 7.38 -11.73 7.17
C MET A 303 6.83 -12.27 8.49
N GLY A 304 7.61 -12.16 9.56
CA GLY A 304 7.09 -12.49 10.88
C GLY A 304 6.28 -11.31 11.36
N VAL A 305 5.10 -11.60 11.88
CA VAL A 305 4.18 -10.54 12.30
C VAL A 305 3.82 -10.75 13.76
N ASN A 306 4.20 -9.80 14.61
CA ASN A 306 3.66 -9.68 15.96
C ASN A 306 2.51 -8.67 15.95
N TYR A 307 1.29 -9.14 16.24
CA TYR A 307 0.11 -8.28 16.16
C TYR A 307 -0.65 -8.32 17.47
N TYR A 308 -1.02 -7.15 17.97
CA TYR A 308 -1.86 -7.01 19.14
C TYR A 308 -2.99 -6.02 18.93
N GLN A 309 -2.78 -4.98 18.12
CA GLN A 309 -3.78 -3.93 18.03
C GLN A 309 -3.51 -3.02 16.83
N THR A 310 -4.57 -2.37 16.35
CA THR A 310 -4.45 -1.32 15.36
C THR A 310 -4.26 0.02 16.06
N THR A 311 -3.96 1.05 15.26
CA THR A 311 -3.80 2.42 15.74
C THR A 311 -4.58 3.33 14.80
N THR A 312 -5.40 4.20 15.38
CA THR A 312 -6.15 5.19 14.61
C THR A 312 -5.48 6.55 14.78
N VAL A 313 -5.33 7.31 13.66
CA VAL A 313 -4.57 8.55 13.66
C VAL A 313 -5.38 9.67 13.02
N GLU A 314 -5.01 10.90 13.35
CA GLU A 314 -5.57 12.09 12.72
C GLU A 314 -4.45 13.11 12.55
N HIS A 315 -4.78 14.22 11.88
CA HIS A 315 -3.78 15.25 11.61
C HIS A 315 -3.26 15.81 12.92
N ASN A 316 -2.04 16.34 12.86
CA ASN A 316 -1.34 16.84 14.03
C ASN A 316 -0.53 18.06 13.59
N PRO A 317 -0.86 19.25 14.09
CA PRO A 317 -0.13 20.46 13.66
C PRO A 317 1.32 20.43 14.11
N PRO A 318 2.17 21.30 13.56
CA PRO A 318 3.60 21.28 13.93
C PRO A 318 3.88 21.61 15.38
N ASP A 319 2.92 22.18 16.11
CA ASP A 319 3.06 22.41 17.54
C ASP A 319 2.26 21.41 18.36
N GLY A 320 1.78 20.34 17.73
CA GLY A 320 0.86 19.41 18.37
C GLY A 320 1.54 18.37 19.23
N VAL A 321 0.91 17.19 19.29
CA VAL A 321 1.30 16.16 20.24
C VAL A 321 2.59 15.47 19.81
N GLY A 322 3.48 15.25 20.77
CA GLY A 322 4.65 14.41 20.61
C GLY A 322 4.56 13.16 21.47
N GLU A 323 5.35 13.05 22.53
CA GLU A 323 5.29 11.86 23.37
C GLU A 323 4.01 11.84 24.20
N GLY A 324 3.39 10.67 24.30
CA GLY A 324 2.23 10.47 25.13
C GLY A 324 2.57 9.65 26.37
N VAL A 325 1.54 9.45 27.20
CA VAL A 325 1.65 8.59 28.38
C VAL A 325 1.30 7.16 27.97
N MET A 326 2.12 6.20 28.38
CA MET A 326 1.82 4.79 28.15
C MET A 326 1.34 4.15 29.45
N ASN A 327 0.36 3.26 29.32
CA ASN A 327 -0.23 2.57 30.47
C ASN A 327 0.64 1.37 30.84
N THR A 328 1.30 1.44 31.99
CA THR A 328 2.06 0.31 32.52
C THR A 328 1.49 -0.23 33.83
N THR A 329 0.27 0.19 34.21
CA THR A 329 -0.29 -0.17 35.49
C THR A 329 -1.56 -1.01 35.42
N GLY A 330 -2.18 -1.14 34.24
CA GLY A 330 -3.45 -1.83 34.18
C GLY A 330 -4.62 -1.02 34.68
N LYS A 331 -4.45 0.29 34.86
CA LYS A 331 -5.54 1.19 35.19
C LYS A 331 -6.07 1.76 33.89
N LYS A 332 -7.29 1.36 33.51
CA LYS A 332 -7.85 1.70 32.22
C LYS A 332 -8.09 3.20 32.11
N GLY A 333 -7.81 3.74 30.92
CA GLY A 333 -7.98 5.15 30.67
C GLY A 333 -6.82 6.04 31.09
N THR A 334 -5.62 5.49 31.22
CA THR A 334 -4.47 6.31 31.59
C THR A 334 -3.54 6.61 30.42
N SER A 335 -3.67 5.93 29.28
CA SER A 335 -2.86 6.29 28.12
C SER A 335 -3.30 7.64 27.55
N THR A 336 -2.36 8.35 26.94
CA THR A 336 -2.68 9.58 26.24
C THR A 336 -2.09 9.55 24.83
N SER A 337 -2.56 10.48 24.01
CA SER A 337 -2.19 10.51 22.59
C SER A 337 -0.69 10.73 22.41
N SER A 338 -0.13 10.09 21.39
CA SER A 338 1.24 10.36 20.96
C SER A 338 1.25 10.62 19.46
N GLY A 339 2.35 11.17 18.97
CA GLY A 339 2.43 11.42 17.54
C GLY A 339 3.72 12.10 17.16
N ILE A 340 3.83 12.42 15.88
CA ILE A 340 4.95 13.21 15.37
C ILE A 340 4.39 14.54 14.91
N PRO A 341 4.74 15.64 15.57
CA PRO A 341 4.18 16.95 15.22
C PRO A 341 4.35 17.25 13.75
N GLY A 342 3.28 17.73 13.13
CA GLY A 342 3.24 17.97 11.70
C GLY A 342 2.81 16.78 10.87
N LEU A 343 2.93 15.56 11.39
CA LEU A 343 2.66 14.37 10.60
C LEU A 343 1.39 13.63 11.00
N PHE A 344 1.22 13.28 12.28
CA PHE A 344 0.06 12.51 12.72
C PHE A 344 0.08 12.43 14.24
N LYS A 345 -1.10 12.18 14.81
CA LYS A 345 -1.23 11.84 16.22
C LYS A 345 -2.20 10.68 16.35
N THR A 346 -1.99 9.83 17.35
CA THR A 346 -2.94 8.77 17.64
C THR A 346 -4.20 9.35 18.28
N VAL A 347 -5.31 8.64 18.10
CA VAL A 347 -6.59 9.07 18.67
C VAL A 347 -7.36 7.82 19.03
N ARG A 348 -8.17 7.93 20.08
CA ARG A 348 -8.99 6.79 20.49
C ARG A 348 -9.92 6.38 19.35
N ASN A 349 -9.94 5.09 19.03
CA ASN A 349 -10.85 4.56 18.02
C ASN A 349 -12.17 4.24 18.71
N PRO A 350 -13.24 5.01 18.48
CA PRO A 350 -14.49 4.77 19.22
C PRO A 350 -15.20 3.49 18.84
N HIS A 351 -14.72 2.73 17.85
CA HIS A 351 -15.42 1.54 17.38
C HIS A 351 -14.87 0.24 17.94
N VAL A 352 -13.90 0.29 18.85
CA VAL A 352 -13.29 -0.93 19.35
C VAL A 352 -13.18 -0.85 20.87
N ASP A 353 -13.26 -2.01 21.51
CA ASP A 353 -12.99 -2.13 22.94
C ASP A 353 -11.48 -2.06 23.19
N THR A 354 -11.12 -1.87 24.46
CA THR A 354 -9.74 -1.77 24.88
C THR A 354 -9.53 -2.60 26.14
N THR A 355 -8.28 -3.03 26.33
CA THR A 355 -7.93 -3.80 27.51
C THR A 355 -7.72 -2.87 28.69
N ASN A 356 -7.44 -3.45 29.85
CA ASN A 356 -7.10 -2.66 31.04
C ASN A 356 -5.80 -1.88 30.89
N TRP A 357 -4.94 -2.27 29.94
CA TRP A 357 -3.74 -1.49 29.61
C TRP A 357 -3.96 -0.57 28.42
N ASP A 358 -5.22 -0.33 28.06
CA ASP A 358 -5.60 0.58 26.98
C ASP A 358 -5.14 0.10 25.61
N TRP A 359 -4.99 -1.21 25.41
CA TRP A 359 -4.70 -1.75 24.08
C TRP A 359 -6.00 -2.04 23.36
N ALA A 360 -6.10 -1.62 22.10
CA ALA A 360 -7.31 -1.86 21.33
C ALA A 360 -7.50 -3.33 21.03
N ILE A 361 -8.74 -3.79 21.09
CA ILE A 361 -9.10 -5.16 20.71
C ILE A 361 -9.74 -5.09 19.32
N ASP A 362 -9.01 -5.56 18.31
CA ASP A 362 -9.40 -5.37 16.91
C ASP A 362 -8.99 -6.59 16.12
N PRO A 363 -9.76 -7.68 16.22
CA PRO A 363 -9.43 -8.85 15.41
C PRO A 363 -9.52 -8.60 13.90
N VAL A 364 -10.46 -7.77 13.45
CA VAL A 364 -10.53 -7.48 12.02
C VAL A 364 -9.27 -6.74 11.57
N GLY A 365 -8.65 -5.97 12.48
CA GLY A 365 -7.39 -5.32 12.17
C GLY A 365 -6.28 -6.27 11.80
N LEU A 366 -6.33 -7.51 12.32
CA LEU A 366 -5.34 -8.51 11.94
C LEU A 366 -5.54 -8.96 10.49
N ARG A 367 -6.80 -9.20 10.10
CA ARG A 367 -7.09 -9.50 8.70
C ARG A 367 -6.61 -8.37 7.79
N ILE A 368 -6.91 -7.12 8.15
CA ILE A 368 -6.43 -5.98 7.36
C ILE A 368 -4.91 -5.97 7.30
N GLY A 369 -4.25 -6.19 8.44
CA GLY A 369 -2.80 -6.20 8.43
C GLY A 369 -2.22 -7.30 7.58
N LEU A 370 -2.79 -8.50 7.67
CA LEU A 370 -2.32 -9.61 6.82
C LEU A 370 -2.54 -9.30 5.34
N ARG A 371 -3.69 -8.73 5.00
CA ARG A 371 -3.97 -8.37 3.61
C ARG A 371 -2.99 -7.32 3.09
N ARG A 372 -2.63 -6.35 3.92
CA ARG A 372 -1.72 -5.29 3.47
C ARG A 372 -0.33 -5.85 3.19
N ILE A 373 0.18 -6.73 4.04
CA ILE A 373 1.50 -7.31 3.81
C ILE A 373 1.50 -8.20 2.57
N ALA A 374 0.47 -9.03 2.42
CA ALA A 374 0.39 -9.90 1.25
C ALA A 374 0.32 -9.09 -0.03
N ASN A 375 -0.54 -8.07 -0.02
CA ASN A 375 -0.77 -7.22 -1.19
C ASN A 375 0.46 -6.39 -1.53
N ARG A 376 1.17 -5.91 -0.53
CA ARG A 376 2.30 -5.03 -0.83
C ARG A 376 3.58 -5.82 -1.14
N TYR A 377 3.83 -6.91 -0.41
CA TYR A 377 5.11 -7.60 -0.48
C TYR A 377 5.03 -9.01 -1.06
N GLN A 378 3.83 -9.59 -1.18
CA GLN A 378 3.66 -10.97 -1.67
C GLN A 378 4.56 -11.94 -0.90
N LEU A 379 4.59 -11.78 0.39
CA LEU A 379 5.36 -12.70 1.21
C LEU A 379 4.42 -13.59 2.00
N PRO A 380 4.85 -14.81 2.29
CA PRO A 380 4.16 -15.60 3.33
C PRO A 380 4.37 -14.94 4.68
N ILE A 381 3.42 -15.18 5.58
CA ILE A 381 3.41 -14.56 6.89
C ILE A 381 3.41 -15.65 7.95
N LEU A 382 4.30 -15.54 8.92
CA LEU A 382 4.24 -16.34 10.13
C LEU A 382 3.82 -15.41 11.26
N ILE A 383 2.67 -15.65 11.86
CA ILE A 383 2.26 -14.83 12.98
C ILE A 383 3.01 -15.33 14.20
N THR A 384 4.01 -14.56 14.63
CA THR A 384 4.90 -15.02 15.68
C THR A 384 4.45 -14.60 17.08
N GLU A 385 3.48 -13.68 17.18
CA GLU A 385 2.89 -13.31 18.45
C GLU A 385 1.50 -12.75 18.23
N ASN A 386 0.59 -13.10 19.12
CA ASN A 386 -0.74 -12.52 19.26
C ASN A 386 -1.33 -13.06 20.56
N GLY A 387 -1.97 -12.19 21.33
CA GLY A 387 -2.58 -12.67 22.55
C GLY A 387 -3.12 -11.52 23.37
N LEU A 388 -3.71 -11.87 24.52
CA LEU A 388 -4.38 -10.90 25.36
C LEU A 388 -3.71 -10.86 26.74
N GLY A 389 -3.19 -9.70 27.10
CA GLY A 389 -2.59 -9.50 28.40
C GLY A 389 -3.63 -8.90 29.33
N GLU A 390 -3.96 -9.65 30.38
CA GLU A 390 -5.01 -9.21 31.30
C GLU A 390 -4.73 -9.73 32.70
N PHE A 391 -5.43 -9.16 33.67
CA PHE A 391 -5.44 -9.74 35.01
C PHE A 391 -6.13 -11.10 34.97
N ASP A 392 -5.55 -12.08 35.67
CA ASP A 392 -6.17 -13.39 35.88
C ASP A 392 -6.37 -13.58 37.38
N THR A 393 -7.44 -14.26 37.75
CA THR A 393 -7.69 -14.63 39.15
C THR A 393 -7.53 -16.13 39.32
N LEU A 394 -6.70 -16.52 40.28
CA LEU A 394 -6.61 -17.92 40.68
C LEU A 394 -7.69 -18.18 41.72
N GLU A 395 -8.62 -19.07 41.39
CA GLU A 395 -9.72 -19.40 42.28
C GLU A 395 -9.52 -20.77 42.91
N PRO A 396 -10.24 -21.08 44.01
CA PRO A 396 -9.98 -22.32 44.73
C PRO A 396 -10.12 -23.55 43.83
N GLY A 397 -9.27 -24.53 44.10
CA GLY A 397 -9.15 -25.69 43.24
C GLY A 397 -8.22 -25.51 42.07
N ASP A 398 -7.37 -24.47 42.10
CA ASP A 398 -6.46 -24.16 41.00
C ASP A 398 -7.23 -24.06 39.67
N ILE A 399 -8.16 -23.10 39.65
CA ILE A 399 -9.00 -22.85 38.48
C ILE A 399 -8.77 -21.41 38.03
N VAL A 400 -8.59 -21.23 36.72
CA VAL A 400 -8.47 -19.90 36.12
C VAL A 400 -9.40 -19.88 34.91
N ASN A 401 -10.51 -19.14 35.01
CA ASN A 401 -11.50 -19.06 33.95
C ASN A 401 -11.22 -17.77 33.18
N ASP A 402 -10.43 -17.89 32.13
CA ASP A 402 -10.05 -16.71 31.32
C ASP A 402 -10.84 -16.71 30.01
N ASP A 403 -12.16 -16.54 30.14
CA ASP A 403 -13.03 -16.51 28.96
C ASP A 403 -12.76 -15.27 28.11
N TYR A 404 -12.31 -14.19 28.74
CA TYR A 404 -11.92 -13.00 27.99
C TYR A 404 -10.79 -13.33 27.02
N ARG A 405 -9.81 -14.12 27.47
CA ARG A 405 -8.71 -14.51 26.60
C ARG A 405 -9.18 -15.43 25.47
N ILE A 406 -9.97 -16.46 25.81
CA ILE A 406 -10.53 -17.34 24.77
C ILE A 406 -11.25 -16.52 23.71
N ASP A 407 -12.13 -15.60 24.16
CA ASP A 407 -12.87 -14.76 23.24
C ASP A 407 -11.93 -14.00 22.31
N TYR A 408 -10.91 -13.35 22.89
CA TYR A 408 -9.93 -12.61 22.09
C TYR A 408 -9.25 -13.52 21.08
N LEU A 409 -8.72 -14.65 21.54
CA LEU A 409 -7.98 -15.52 20.64
C LEU A 409 -8.89 -16.09 19.55
N ARG A 410 -10.10 -16.50 19.92
CA ARG A 410 -11.03 -17.09 18.96
C ARG A 410 -11.29 -16.12 17.81
N ARG A 411 -11.56 -14.86 18.13
CA ARG A 411 -11.90 -13.89 17.10
C ARG A 411 -10.73 -13.59 16.18
N HIS A 412 -9.50 -13.59 16.71
CA HIS A 412 -8.35 -13.36 15.84
C HIS A 412 -8.09 -14.57 14.95
N VAL A 413 -8.26 -15.78 15.49
CA VAL A 413 -8.04 -16.97 14.68
C VAL A 413 -9.08 -17.05 13.57
N GLN A 414 -10.30 -16.61 13.85
CA GLN A 414 -11.32 -16.54 12.81
C GLN A 414 -10.92 -15.55 11.72
N GLU A 415 -10.37 -14.41 12.09
CA GLU A 415 -9.98 -13.43 11.07
C GLU A 415 -8.78 -13.94 10.28
N ILE A 416 -7.89 -14.70 10.91
CA ILE A 416 -6.82 -15.35 10.17
C ILE A 416 -7.38 -16.28 9.09
N GLN A 417 -8.37 -17.09 9.45
CA GLN A 417 -8.94 -18.00 8.45
C GLN A 417 -9.55 -17.23 7.28
N ARG A 418 -10.25 -16.13 7.57
CA ARG A 418 -10.76 -15.28 6.50
C ARG A 418 -9.63 -14.70 5.66
N ALA A 419 -8.48 -14.42 6.28
CA ALA A 419 -7.34 -13.91 5.53
C ALA A 419 -6.77 -14.99 4.62
N ILE A 420 -6.65 -16.22 5.14
CA ILE A 420 -6.23 -17.35 4.31
C ILE A 420 -7.18 -17.53 3.13
N THR A 421 -8.48 -17.33 3.35
CA THR A 421 -9.46 -17.45 2.27
C THR A 421 -9.27 -16.35 1.22
N ASP A 422 -8.86 -15.16 1.65
CA ASP A 422 -8.55 -14.08 0.72
C ASP A 422 -7.27 -14.35 -0.07
N GLY A 423 -6.50 -15.37 0.28
CA GLY A 423 -5.27 -15.66 -0.43
C GLY A 423 -3.99 -15.31 0.29
N VAL A 424 -4.04 -14.90 1.55
CA VAL A 424 -2.83 -14.66 2.33
C VAL A 424 -2.22 -16.01 2.71
N ASP A 425 -0.93 -16.19 2.43
CA ASP A 425 -0.22 -17.42 2.78
C ASP A 425 0.27 -17.31 4.22
N VAL A 426 -0.51 -17.83 5.16
CA VAL A 426 -0.16 -17.78 6.59
C VAL A 426 0.42 -19.12 7.00
N LEU A 427 1.67 -19.11 7.49
CA LEU A 427 2.37 -20.36 7.77
C LEU A 427 2.00 -20.93 9.14
N GLY A 428 1.61 -20.07 10.06
CA GLY A 428 1.41 -20.54 11.42
C GLY A 428 0.93 -19.39 12.28
N TYR A 429 0.72 -19.72 13.54
CA TYR A 429 0.14 -18.81 14.50
C TYR A 429 0.71 -19.18 15.87
N CYS A 430 1.52 -18.29 16.43
CA CYS A 430 2.10 -18.48 17.76
C CYS A 430 1.37 -17.54 18.71
N ALA A 431 0.59 -18.11 19.62
CA ALA A 431 -0.05 -17.30 20.65
C ALA A 431 0.98 -16.83 21.69
N TRP A 432 0.92 -15.55 22.02
CA TRP A 432 1.67 -15.01 23.17
C TRP A 432 0.77 -15.09 24.40
N SER A 433 1.12 -15.88 25.42
CA SER A 433 2.37 -16.64 25.54
C SER A 433 2.02 -18.07 26.01
N PHE A 434 2.97 -19.00 26.01
CA PHE A 434 2.61 -20.33 26.48
C PHE A 434 2.31 -20.34 27.98
N THR A 435 3.30 -19.99 28.80
CA THR A 435 3.04 -19.75 30.21
C THR A 435 3.04 -18.25 30.49
N ASP A 436 2.46 -17.88 31.63
CA ASP A 436 2.64 -16.52 32.11
C ASP A 436 4.12 -16.23 32.21
N LEU A 437 4.47 -14.96 32.05
CA LEU A 437 5.89 -14.61 32.12
C LEU A 437 6.02 -13.14 32.51
N LEU A 438 7.25 -12.69 32.62
CA LEU A 438 7.48 -11.31 33.04
C LEU A 438 7.22 -10.40 31.86
N SER A 439 6.34 -9.41 32.05
CA SER A 439 6.16 -8.34 31.07
C SER A 439 7.20 -7.27 31.36
N TRP A 440 8.03 -6.95 30.35
CA TRP A 440 9.18 -6.07 30.54
C TRP A 440 8.88 -4.88 31.42
N LEU A 441 7.81 -4.15 31.10
CA LEU A 441 7.49 -2.90 31.77
C LEU A 441 6.23 -2.98 32.61
N ASN A 442 5.51 -4.12 32.59
CA ASN A 442 4.24 -4.25 33.27
C ASN A 442 4.27 -5.24 34.43
N GLY A 443 5.41 -5.87 34.71
CA GLY A 443 5.50 -6.81 35.81
C GLY A 443 4.85 -8.15 35.48
N TYR A 444 4.46 -8.88 36.53
CA TYR A 444 3.87 -10.20 36.36
C TYR A 444 2.35 -10.22 36.32
N GLN A 445 1.66 -9.16 36.78
CA GLN A 445 0.19 -9.19 36.82
CA GLN A 445 0.19 -9.17 36.82
C GLN A 445 -0.43 -9.09 35.44
N LYS A 446 0.29 -8.59 34.44
CA LYS A 446 -0.23 -8.53 33.06
C LYS A 446 0.09 -9.87 32.43
N ARG A 447 -0.87 -10.79 32.50
CA ARG A 447 -0.66 -12.18 32.15
C ARG A 447 -1.18 -12.47 30.74
N TYR A 448 -0.41 -13.26 29.99
CA TYR A 448 -0.77 -13.71 28.66
C TYR A 448 -0.88 -15.22 28.52
N GLY A 449 -0.55 -16.01 29.54
CA GLY A 449 -0.31 -17.43 29.34
C GLY A 449 -1.56 -18.25 29.06
N PHE A 450 -1.34 -19.39 28.38
CA PHE A 450 -2.30 -20.51 28.49
C PHE A 450 -2.16 -21.19 29.84
N VAL A 451 -0.98 -21.09 30.45
CA VAL A 451 -0.64 -21.76 31.71
C VAL A 451 -0.35 -20.67 32.73
N TYR A 452 -1.16 -20.63 33.79
CA TYR A 452 -0.94 -19.68 34.87
C TYR A 452 0.30 -20.10 35.63
N VAL A 453 1.16 -19.14 35.96
CA VAL A 453 2.29 -19.43 36.85
C VAL A 453 2.01 -18.74 38.17
N ASN A 454 2.04 -19.52 39.26
CA ASN A 454 1.75 -19.02 40.60
C ASN A 454 2.93 -18.24 41.14
N ARG A 455 2.90 -16.91 40.94
CA ARG A 455 3.82 -15.92 41.50
C ARG A 455 3.21 -14.57 41.19
N ASP A 456 3.71 -13.51 41.81
CA ASP A 456 3.28 -12.18 41.41
C ASP A 456 4.46 -11.23 41.52
N ASP A 457 4.18 -9.92 41.59
CA ASP A 457 5.24 -8.94 41.64
C ASP A 457 5.97 -8.94 42.98
N GLU A 458 5.34 -9.49 44.03
CA GLU A 458 5.86 -9.42 45.39
C GLU A 458 6.48 -10.72 45.87
N SER A 459 6.10 -11.87 45.31
CA SER A 459 6.61 -13.16 45.76
C SER A 459 6.72 -14.12 44.58
N GLU A 460 7.78 -14.93 44.59
CA GLU A 460 7.91 -16.02 43.63
C GLU A 460 7.01 -17.20 43.99
N LYS A 461 6.53 -17.26 45.24
CA LYS A 461 5.62 -18.31 45.69
C LYS A 461 6.29 -19.65 45.38
N ASP A 462 5.62 -20.58 44.72
CA ASP A 462 6.18 -21.87 44.35
C ASP A 462 6.33 -22.04 42.85
N LEU A 463 5.96 -21.01 42.08
CA LEU A 463 6.06 -21.02 40.61
C LEU A 463 5.32 -22.21 40.00
N ARG A 464 4.23 -22.67 40.63
CA ARG A 464 3.59 -23.85 40.07
C ARG A 464 2.76 -23.47 38.83
N ARG A 465 2.70 -24.42 37.89
CA ARG A 465 2.00 -24.22 36.62
C ARG A 465 0.57 -24.70 36.76
N ILE A 466 -0.38 -23.91 36.26
CA ILE A 466 -1.80 -24.22 36.38
C ILE A 466 -2.46 -23.95 35.03
N LYS A 467 -3.06 -24.99 34.44
CA LYS A 467 -3.68 -24.82 33.13
C LYS A 467 -4.91 -23.93 33.24
N LYS A 468 -4.99 -22.90 32.39
CA LYS A 468 -6.16 -22.04 32.36
C LYS A 468 -7.22 -22.66 31.44
N LYS A 469 -8.43 -22.12 31.54
CA LYS A 469 -9.49 -22.58 30.64
C LYS A 469 -9.05 -22.47 29.19
N SER A 470 -8.33 -21.39 28.84
CA SER A 470 -7.87 -21.21 27.46
C SER A 470 -6.93 -22.32 27.02
N PHE A 471 -6.22 -22.96 27.95
CA PHE A 471 -5.37 -24.09 27.61
C PHE A 471 -6.19 -25.17 26.89
N TYR A 472 -7.34 -25.51 27.47
CA TYR A 472 -8.16 -26.58 26.90
C TYR A 472 -8.88 -26.11 25.65
N TRP A 473 -9.20 -24.82 25.56
CA TRP A 473 -9.78 -24.32 24.32
C TRP A 473 -8.80 -24.45 23.16
N TYR A 474 -7.54 -24.05 23.38
CA TYR A 474 -6.54 -24.11 22.32
C TYR A 474 -6.23 -25.55 21.95
N GLN A 475 -6.21 -26.42 22.94
CA GLN A 475 -6.00 -27.80 22.73
C GLN A 475 -7.03 -28.32 21.72
N ARG A 476 -8.26 -27.90 21.84
CA ARG A 476 -9.30 -28.34 20.92
C ARG A 476 -9.12 -27.74 19.54
N VAL A 477 -8.72 -26.48 19.49
CA VAL A 477 -8.46 -25.81 18.25
C VAL A 477 -7.40 -26.61 17.50
N ILE A 478 -6.34 -26.96 18.17
CA ILE A 478 -5.27 -27.69 17.50
C ILE A 478 -5.77 -29.07 17.06
N GLU A 479 -6.53 -29.75 17.92
CA GLU A 479 -7.03 -31.09 17.58
C GLU A 479 -7.87 -31.06 16.31
N THR A 480 -8.72 -30.05 16.15
CA THR A 480 -9.59 -29.93 14.98
C THR A 480 -8.99 -29.09 13.86
N ASN A 481 -7.71 -28.72 13.99
CA ASN A 481 -7.02 -27.89 12.99
C ASN A 481 -7.80 -26.60 12.72
N GLY A 482 -8.32 -25.99 13.78
CA GLY A 482 -9.03 -24.74 13.64
C GLY A 482 -10.45 -24.84 13.15
N ALA A 483 -10.92 -26.05 12.80
CA ALA A 483 -12.31 -26.17 12.40
C ALA A 483 -13.23 -25.83 13.58
N GLU A 484 -12.76 -25.98 14.80
CA GLU A 484 -13.62 -25.89 15.98
C GLU A 484 -13.04 -24.79 16.89
N LEU A 485 -13.61 -23.59 16.77
CA LEU A 485 -13.17 -22.42 17.51
C LEU A 485 -14.18 -22.01 18.58
N HIS B 12 9.90 24.76 3.52
CA HIS B 12 10.46 25.03 2.19
C HIS B 12 10.01 23.97 1.19
N LEU B 13 9.20 24.38 0.22
CA LEU B 13 8.80 23.48 -0.86
C LEU B 13 9.92 23.36 -1.89
N LYS B 14 10.11 22.16 -2.41
CA LYS B 14 10.93 22.04 -3.60
C LYS B 14 10.31 22.87 -4.72
N PRO B 15 11.12 23.38 -5.64
CA PRO B 15 10.56 24.03 -6.82
C PRO B 15 10.13 22.98 -7.82
N PHE B 16 9.26 23.38 -8.73
CA PHE B 16 9.02 22.53 -9.87
C PHE B 16 10.32 22.38 -10.64
N PRO B 17 10.65 21.19 -11.13
CA PRO B 17 11.92 21.00 -11.83
C PRO B 17 11.99 21.86 -13.08
N PRO B 18 13.20 22.17 -13.57
CA PRO B 18 13.30 23.20 -14.64
C PRO B 18 12.54 22.85 -15.91
N GLU B 19 12.53 21.59 -16.32
CA GLU B 19 11.85 21.19 -17.56
C GLU B 19 10.52 20.51 -17.29
N PHE B 20 9.82 20.96 -16.24
CA PHE B 20 8.50 20.43 -15.90
C PHE B 20 7.51 20.70 -17.02
N LEU B 21 6.82 19.65 -17.48
CA LEU B 21 5.90 19.77 -18.61
C LEU B 21 4.57 20.35 -18.12
N TRP B 22 4.43 21.66 -18.23
CA TRP B 22 3.13 22.29 -18.01
C TRP B 22 2.30 22.08 -19.27
N GLY B 23 1.21 21.30 -19.17
CA GLY B 23 0.51 20.83 -20.33
C GLY B 23 -0.98 21.08 -20.26
N ALA B 24 -1.66 20.71 -21.35
CA ALA B 24 -3.11 20.60 -21.42
C ALA B 24 -3.44 19.47 -22.38
N ALA B 25 -4.67 18.99 -22.32
CA ALA B 25 -4.99 17.73 -22.97
C ALA B 25 -6.33 17.81 -23.69
N SER B 26 -6.49 16.91 -24.66
CA SER B 26 -7.75 16.72 -25.35
C SER B 26 -7.83 15.25 -25.75
N ALA B 27 -8.91 14.89 -26.43
CA ALA B 27 -9.10 13.55 -26.97
C ALA B 27 -9.78 13.67 -28.33
N ALA B 28 -9.36 12.82 -29.27
CA ALA B 28 -9.75 12.97 -30.68
C ALA B 28 -11.26 13.12 -30.86
N TYR B 29 -12.03 12.12 -30.41
CA TYR B 29 -13.48 12.16 -30.66
C TYR B 29 -14.12 13.38 -30.02
N GLN B 30 -13.56 13.85 -28.90
CA GLN B 30 -14.17 14.97 -28.21
C GLN B 30 -13.89 16.33 -28.86
N VAL B 31 -12.85 16.45 -29.70
CA VAL B 31 -12.48 17.76 -30.24
C VAL B 31 -12.52 17.84 -31.76
N GLU B 32 -12.22 16.74 -32.45
CA GLU B 32 -11.78 16.84 -33.85
C GLU B 32 -12.93 17.17 -34.79
N GLY B 33 -14.06 16.47 -34.66
CA GLY B 33 -15.04 16.53 -35.73
C GLY B 33 -14.50 15.85 -36.98
N ALA B 34 -14.94 16.35 -38.15
CA ALA B 34 -14.55 15.76 -39.44
C ALA B 34 -14.68 14.24 -39.40
N TRP B 35 -15.79 13.76 -38.86
CA TRP B 35 -15.91 12.34 -38.56
C TRP B 35 -15.92 11.47 -39.81
N ASN B 36 -16.19 12.04 -40.99
CA ASN B 36 -16.21 11.24 -42.20
C ASN B 36 -15.39 11.87 -43.32
N GLU B 37 -14.44 12.75 -42.99
CA GLU B 37 -13.64 13.44 -44.00
C GLU B 37 -12.31 12.74 -44.24
N ASP B 38 -11.78 12.94 -45.44
CA ASP B 38 -10.41 12.57 -45.79
C ASP B 38 -10.12 11.10 -45.50
N GLY B 39 -11.09 10.24 -45.79
CA GLY B 39 -10.92 8.81 -45.70
C GLY B 39 -11.19 8.18 -44.34
N LYS B 40 -11.53 8.97 -43.32
CA LYS B 40 -11.67 8.42 -41.97
C LYS B 40 -12.80 7.40 -41.90
N GLY B 41 -12.51 6.24 -41.26
CA GLY B 41 -13.51 5.21 -41.10
C GLY B 41 -14.40 5.44 -39.89
N LEU B 42 -15.45 4.61 -39.80
CA LEU B 42 -16.35 4.62 -38.65
C LEU B 42 -15.62 4.14 -37.40
N SER B 43 -15.78 4.85 -36.29
CA SER B 43 -15.36 4.36 -34.98
C SER B 43 -16.59 3.92 -34.18
N VAL B 44 -16.34 3.17 -33.11
CA VAL B 44 -17.45 2.72 -32.27
C VAL B 44 -18.18 3.91 -31.67
N TRP B 45 -17.50 5.05 -31.47
CA TRP B 45 -18.22 6.19 -30.91
C TRP B 45 -19.03 6.93 -31.98
N ASP B 46 -18.57 6.93 -33.23
CA ASP B 46 -19.43 7.42 -34.31
C ASP B 46 -20.79 6.75 -34.26
N VAL B 47 -20.79 5.41 -34.15
CA VAL B 47 -22.03 4.65 -34.13
C VAL B 47 -22.77 4.88 -32.81
N PHE B 48 -22.07 4.68 -31.69
CA PHE B 48 -22.71 4.67 -30.38
C PHE B 48 -23.41 5.99 -30.09
N ALA B 49 -22.73 7.10 -30.40
CA ALA B 49 -23.28 8.39 -30.03
C ALA B 49 -24.55 8.72 -30.81
N LYS B 50 -24.72 8.13 -31.98
CA LYS B 50 -25.93 8.36 -32.75
C LYS B 50 -27.09 7.47 -32.33
N GLN B 51 -26.84 6.44 -31.53
CA GLN B 51 -27.93 5.64 -30.99
C GLN B 51 -28.74 6.47 -29.98
N PRO B 52 -30.06 6.35 -29.98
CA PRO B 52 -30.87 7.24 -29.15
C PRO B 52 -30.68 6.94 -27.67
N GLY B 53 -30.62 8.00 -26.87
CA GLY B 53 -30.49 7.86 -25.43
C GLY B 53 -29.11 7.55 -24.92
N ARG B 54 -28.08 7.48 -25.78
CA ARG B 54 -26.75 7.13 -25.31
C ARG B 54 -25.99 8.33 -24.78
N THR B 55 -26.31 9.54 -25.25
CA THR B 55 -25.56 10.73 -24.93
C THR B 55 -26.51 11.84 -24.53
N PHE B 56 -25.96 12.84 -23.85
CA PHE B 56 -26.78 13.94 -23.34
C PHE B 56 -27.37 14.73 -24.51
N LYS B 57 -28.69 14.78 -24.57
CA LYS B 57 -29.42 15.51 -25.62
C LYS B 57 -29.00 15.07 -27.03
N GLY B 58 -28.63 13.81 -27.18
CA GLY B 58 -28.24 13.30 -28.49
C GLY B 58 -26.99 13.93 -29.08
N THR B 59 -26.15 14.56 -28.26
CA THR B 59 -24.94 15.17 -28.79
C THR B 59 -23.95 14.10 -29.27
N ASN B 60 -23.10 14.49 -30.21
CA ASN B 60 -22.16 13.54 -30.79
C ASN B 60 -20.96 14.32 -31.31
N GLY B 61 -19.94 13.60 -31.75
CA GLY B 61 -18.74 14.23 -32.25
C GLY B 61 -18.66 14.40 -33.76
N ASP B 62 -19.80 14.43 -34.47
CA ASP B 62 -19.77 14.70 -35.91
C ASP B 62 -18.92 15.94 -36.20
N VAL B 63 -19.19 17.03 -35.47
CA VAL B 63 -18.42 18.26 -35.59
C VAL B 63 -17.58 18.54 -34.35
N ALA B 64 -18.12 18.27 -33.16
CA ALA B 64 -17.42 18.50 -31.88
C ALA B 64 -17.05 19.97 -31.80
N VAL B 65 -15.78 20.34 -31.69
CA VAL B 65 -15.40 21.75 -31.80
C VAL B 65 -14.56 22.00 -33.04
N ASP B 66 -14.61 21.07 -34.00
CA ASP B 66 -14.05 21.26 -35.33
C ASP B 66 -12.54 21.50 -35.28
N HIS B 67 -11.88 20.91 -34.29
CA HIS B 67 -10.43 21.08 -34.15
C HIS B 67 -9.68 20.58 -35.37
N TYR B 68 -10.23 19.60 -36.09
CA TYR B 68 -9.58 19.09 -37.30
C TYR B 68 -9.34 20.21 -38.31
N HIS B 69 -10.25 21.16 -38.41
CA HIS B 69 -10.08 22.26 -39.35
C HIS B 69 -9.51 23.51 -38.73
N ARG B 70 -9.53 23.62 -37.39
CA ARG B 70 -9.10 24.84 -36.72
C ARG B 70 -7.86 24.61 -35.86
N TYR B 71 -7.10 23.55 -36.13
CA TYR B 71 -5.97 23.21 -35.26
C TYR B 71 -4.92 24.31 -35.27
N GLN B 72 -4.74 25.01 -36.41
CA GLN B 72 -3.75 26.10 -36.45
C GLN B 72 -4.12 27.21 -35.49
N GLU B 73 -5.41 27.58 -35.45
CA GLU B 73 -5.88 28.57 -34.49
C GLU B 73 -5.68 28.10 -33.05
N ASP B 74 -6.05 26.84 -32.78
CA ASP B 74 -5.94 26.31 -31.43
C ASP B 74 -4.48 26.28 -30.98
N VAL B 75 -3.58 25.80 -31.83
CA VAL B 75 -2.15 25.74 -31.47
C VAL B 75 -1.60 27.15 -31.25
N ALA B 76 -2.06 28.12 -32.04
CA ALA B 76 -1.64 29.50 -31.79
C ALA B 76 -2.10 29.97 -30.42
N LEU B 77 -3.25 29.49 -29.95
CA LEU B 77 -3.65 29.86 -28.60
C LEU B 77 -2.80 29.14 -27.56
N MET B 78 -2.40 27.90 -27.85
CA MET B 78 -1.46 27.20 -26.96
C MET B 78 -0.15 27.97 -26.86
N ALA B 79 0.40 28.37 -28.01
CA ALA B 79 1.64 29.13 -28.02
C ALA B 79 1.49 30.44 -27.26
N GLU B 80 0.36 31.12 -27.45
CA GLU B 80 0.10 32.34 -26.68
C GLU B 80 0.04 32.05 -25.19
N MET B 81 -0.56 30.92 -24.81
CA MET B 81 -0.62 30.56 -23.41
C MET B 81 0.77 30.27 -22.85
N GLY B 82 1.66 29.75 -23.68
CA GLY B 82 2.97 29.34 -23.23
C GLY B 82 3.07 27.88 -22.85
N LEU B 83 2.15 27.04 -23.33
CA LEU B 83 2.13 25.62 -23.01
C LEU B 83 3.46 24.95 -23.33
N LYS B 84 3.99 24.20 -22.36
CA LYS B 84 5.16 23.39 -22.66
C LYS B 84 4.79 22.10 -23.39
N ALA B 85 3.56 21.62 -23.18
CA ALA B 85 3.18 20.33 -23.72
C ALA B 85 1.70 20.32 -24.04
N TYR B 86 1.34 19.57 -25.06
CA TYR B 86 -0.06 19.37 -25.42
C TYR B 86 -0.25 17.87 -25.57
N ARG B 87 -1.20 17.32 -24.82
CA ARG B 87 -1.55 15.92 -24.92
C ARG B 87 -2.81 15.77 -25.78
N PHE B 88 -2.72 14.93 -26.82
CA PHE B 88 -3.84 14.67 -27.71
C PHE B 88 -3.82 13.20 -28.08
N SER B 89 -4.94 12.69 -28.60
CA SER B 89 -4.98 11.30 -29.03
C SER B 89 -5.07 11.22 -30.55
N VAL B 90 -4.49 10.15 -31.10
CA VAL B 90 -4.61 9.85 -32.51
C VAL B 90 -5.87 9.02 -32.72
N SER B 91 -6.69 9.41 -33.69
CA SER B 91 -7.91 8.67 -34.00
C SER B 91 -7.52 7.46 -34.84
N TRP B 92 -7.63 6.26 -34.23
CA TRP B 92 -7.28 5.02 -34.91
C TRP B 92 -7.99 4.90 -36.25
N SER B 93 -9.28 5.20 -36.28
CA SER B 93 -10.04 5.07 -37.53
C SER B 93 -9.62 6.09 -38.59
N ARG B 94 -8.94 7.18 -38.20
CA ARG B 94 -8.37 8.07 -39.21
C ARG B 94 -7.15 7.46 -39.89
N VAL B 95 -6.37 6.68 -39.16
CA VAL B 95 -5.13 6.14 -39.68
C VAL B 95 -5.37 4.78 -40.35
N PHE B 96 -6.24 3.96 -39.77
CA PHE B 96 -6.67 2.69 -40.36
C PHE B 96 -8.19 2.66 -40.35
N PRO B 97 -8.81 3.14 -41.43
CA PRO B 97 -10.28 3.18 -41.46
C PRO B 97 -10.92 1.82 -41.23
N ASP B 98 -10.28 0.75 -41.68
CA ASP B 98 -10.74 -0.61 -41.41
C ASP B 98 -10.12 -1.20 -40.15
N GLY B 99 -9.30 -0.44 -39.44
CA GLY B 99 -8.58 -0.95 -38.29
C GLY B 99 -7.38 -1.79 -38.68
N ASN B 100 -7.47 -2.44 -39.84
CA ASN B 100 -6.65 -3.58 -40.21
C ASN B 100 -5.85 -3.40 -41.50
N GLY B 101 -6.45 -2.80 -42.52
CA GLY B 101 -5.88 -2.87 -43.85
C GLY B 101 -4.84 -1.82 -44.17
N ALA B 102 -5.10 -1.04 -45.22
CA ALA B 102 -4.14 -0.08 -45.73
C ALA B 102 -4.12 1.19 -44.89
N VAL B 103 -2.94 1.77 -44.73
CA VAL B 103 -2.84 3.05 -44.05
C VAL B 103 -3.55 4.12 -44.87
N ASN B 104 -4.26 5.01 -44.19
CA ASN B 104 -4.86 6.19 -44.83
C ASN B 104 -3.88 7.34 -44.65
N GLU B 105 -3.13 7.66 -45.71
CA GLU B 105 -2.08 8.66 -45.61
C GLU B 105 -2.64 10.04 -45.29
N LYS B 106 -3.85 10.36 -45.77
CA LYS B 106 -4.46 11.63 -45.40
C LYS B 106 -4.63 11.73 -43.89
N GLY B 107 -4.94 10.61 -43.23
CA GLY B 107 -5.07 10.64 -41.78
C GLY B 107 -3.76 10.92 -41.08
N LEU B 108 -2.71 10.17 -41.45
CA LEU B 108 -1.38 10.43 -40.90
C LEU B 108 -0.93 11.85 -41.18
N ASP B 109 -1.31 12.40 -42.33
CA ASP B 109 -0.85 13.74 -42.68
C ASP B 109 -1.42 14.79 -41.74
N PHE B 110 -2.63 14.59 -41.22
CA PHE B 110 -3.20 15.58 -40.31
C PHE B 110 -2.39 15.64 -39.01
N TYR B 111 -2.13 14.48 -38.40
CA TYR B 111 -1.33 14.47 -37.17
C TYR B 111 0.09 14.93 -37.41
N ASP B 112 0.66 14.62 -38.59
CA ASP B 112 1.95 15.19 -38.94
C ASP B 112 1.88 16.71 -39.05
N ARG B 113 0.82 17.24 -39.67
CA ARG B 113 0.63 18.68 -39.69
C ARG B 113 0.49 19.24 -38.28
N LEU B 114 -0.25 18.52 -37.43
CA LEU B 114 -0.48 18.99 -36.07
C LEU B 114 0.82 18.97 -35.26
N ILE B 115 1.58 17.89 -35.36
CA ILE B 115 2.84 17.79 -34.63
C ILE B 115 3.80 18.88 -35.09
N GLU B 116 3.92 19.06 -36.41
CA GLU B 116 4.75 20.12 -36.98
C GLU B 116 4.37 21.48 -36.40
N GLU B 117 3.07 21.78 -36.38
CA GLU B 117 2.61 23.04 -35.83
C GLU B 117 3.00 23.17 -34.36
N LEU B 118 2.84 22.10 -33.61
CA LEU B 118 3.23 22.13 -32.22
C LEU B 118 4.70 22.42 -32.03
N ARG B 119 5.54 21.72 -32.75
CA ARG B 119 6.96 21.92 -32.63
C ARG B 119 7.42 23.26 -33.14
N ASN B 120 6.81 23.76 -34.21
CA ASN B 120 7.20 25.06 -34.69
C ASN B 120 6.97 26.13 -33.65
N HIS B 121 6.04 25.91 -32.72
CA HIS B 121 5.77 26.85 -31.64
C HIS B 121 6.44 26.44 -30.34
N GLY B 122 7.31 25.44 -30.37
CA GLY B 122 8.05 25.03 -29.19
C GLY B 122 7.28 24.21 -28.19
N ILE B 123 6.15 23.61 -28.58
CA ILE B 123 5.30 22.83 -27.68
C ILE B 123 5.64 21.37 -27.83
N GLU B 124 5.81 20.69 -26.70
CA GLU B 124 6.14 19.27 -26.71
C GLU B 124 4.87 18.45 -26.91
N PRO B 125 4.79 17.57 -27.90
CA PRO B 125 3.58 16.75 -28.04
C PRO B 125 3.62 15.52 -27.16
N ILE B 126 2.49 15.23 -26.54
CA ILE B 126 2.26 13.98 -25.83
C ILE B 126 1.13 13.27 -26.55
N VAL B 127 1.44 12.12 -27.15
CA VAL B 127 0.51 11.40 -27.99
C VAL B 127 -0.10 10.23 -27.23
N THR B 128 -1.42 10.25 -27.10
CA THR B 128 -2.18 9.12 -26.58
C THR B 128 -2.53 8.19 -27.73
N LEU B 129 -2.09 6.93 -27.63
CA LEU B 129 -2.39 5.99 -28.71
C LEU B 129 -3.88 5.66 -28.78
N TYR B 130 -4.53 5.46 -27.64
CA TYR B 130 -5.90 4.95 -27.62
C TYR B 130 -6.74 5.75 -26.64
N HIS B 131 -7.72 6.49 -27.14
CA HIS B 131 -8.65 7.20 -26.29
C HIS B 131 -10.09 6.87 -26.72
N TRP B 132 -10.37 5.57 -26.75
CA TRP B 132 -11.70 4.94 -26.68
C TRP B 132 -12.37 4.76 -28.05
N ASP B 133 -11.71 5.12 -29.14
CA ASP B 133 -12.38 5.13 -30.45
C ASP B 133 -11.86 4.03 -31.37
N VAL B 134 -11.97 2.77 -30.93
CA VAL B 134 -11.53 1.66 -31.78
C VAL B 134 -12.39 1.65 -33.04
N PRO B 135 -11.84 1.35 -34.21
CA PRO B 135 -12.66 1.33 -35.44
C PRO B 135 -13.81 0.34 -35.31
N GLN B 136 -14.98 0.77 -35.79
CA GLN B 136 -16.15 -0.11 -35.77
C GLN B 136 -15.90 -1.39 -36.56
N ALA B 137 -15.07 -1.32 -37.61
CA ALA B 137 -14.78 -2.52 -38.40
C ALA B 137 -14.19 -3.64 -37.54
N LEU B 138 -13.35 -3.28 -36.55
CA LEU B 138 -12.78 -4.30 -35.66
C LEU B 138 -13.84 -4.86 -34.71
N MET B 139 -14.74 -4.00 -34.23
CA MET B 139 -15.86 -4.50 -33.45
C MET B 139 -16.74 -5.41 -34.29
N ASP B 140 -16.96 -5.05 -35.56
CA ASP B 140 -17.74 -5.88 -36.47
C ASP B 140 -17.00 -7.18 -36.80
N ALA B 141 -15.70 -7.09 -37.08
CA ALA B 141 -14.96 -8.27 -37.52
C ALA B 141 -14.85 -9.30 -36.40
N TYR B 142 -14.44 -8.87 -35.19
CA TYR B 142 -14.16 -9.89 -34.19
C TYR B 142 -14.43 -9.45 -32.74
N GLY B 143 -15.28 -8.45 -32.52
CA GLY B 143 -15.60 -8.01 -31.18
C GLY B 143 -14.56 -7.13 -30.53
N ALA B 144 -13.59 -6.61 -31.29
CA ALA B 144 -12.62 -5.62 -30.80
C ALA B 144 -11.85 -6.08 -29.56
N TRP B 145 -12.10 -5.48 -28.40
CA TRP B 145 -11.28 -5.79 -27.23
C TRP B 145 -11.55 -7.18 -26.64
N GLU B 146 -12.61 -7.86 -27.07
CA GLU B 146 -12.87 -9.22 -26.63
C GLU B 146 -12.10 -10.28 -27.41
N SER B 147 -11.24 -9.89 -28.33
CA SER B 147 -10.49 -10.87 -29.12
C SER B 147 -9.01 -10.54 -29.08
N ARG B 148 -8.19 -11.59 -28.94
CA ARG B 148 -6.75 -11.41 -28.92
C ARG B 148 -6.22 -10.90 -30.25
N ARG B 149 -7.00 -11.01 -31.33
CA ARG B 149 -6.58 -10.43 -32.61
C ARG B 149 -6.30 -8.93 -32.47
N ILE B 150 -7.04 -8.23 -31.60
CA ILE B 150 -6.79 -6.79 -31.44
C ILE B 150 -5.39 -6.52 -30.91
N ILE B 151 -4.75 -7.50 -30.28
CA ILE B 151 -3.38 -7.28 -29.80
C ILE B 151 -2.44 -7.08 -30.98
N ASP B 152 -2.48 -7.98 -31.96
CA ASP B 152 -1.72 -7.79 -33.19
C ASP B 152 -2.14 -6.53 -33.92
N ASP B 153 -3.44 -6.22 -33.94
CA ASP B 153 -3.91 -5.07 -34.70
C ASP B 153 -3.55 -3.76 -34.01
N PHE B 154 -3.73 -3.69 -32.69
CA PHE B 154 -3.33 -2.49 -31.98
C PHE B 154 -1.83 -2.25 -32.11
N ASP B 155 -1.06 -3.32 -32.05
CA ASP B 155 0.37 -3.22 -32.13
C ASP B 155 0.76 -2.63 -33.47
N ARG B 156 0.16 -3.17 -34.52
CA ARG B 156 0.41 -2.71 -35.86
C ARG B 156 0.15 -1.21 -36.02
N TYR B 157 -0.92 -0.71 -35.44
CA TYR B 157 -1.26 0.68 -35.49
C TYR B 157 -0.28 1.52 -34.69
N ALA B 158 0.16 1.03 -33.55
CA ALA B 158 1.11 1.80 -32.74
C ALA B 158 2.48 1.85 -33.39
N VAL B 159 2.94 0.73 -33.96
CA VAL B 159 4.22 0.73 -34.65
C VAL B 159 4.18 1.67 -35.84
N THR B 160 3.05 1.72 -36.56
CA THR B 160 2.88 2.73 -37.60
C THR B 160 3.19 4.12 -37.06
N LEU B 161 2.50 4.50 -35.98
CA LEU B 161 2.72 5.82 -35.39
C LEU B 161 4.14 5.97 -34.85
N PHE B 162 4.72 4.91 -34.30
CA PHE B 162 6.09 5.02 -33.78
C PHE B 162 7.06 5.38 -34.90
N GLN B 163 7.06 4.57 -35.97
CA GLN B 163 7.92 4.83 -37.12
C GLN B 163 7.68 6.22 -37.68
N ARG B 164 6.42 6.65 -37.76
CA ARG B 164 6.12 7.91 -38.43
C ARG B 164 6.53 9.11 -37.58
N PHE B 165 6.35 9.04 -36.25
CA PHE B 165 6.51 10.21 -35.42
C PHE B 165 7.50 10.06 -34.27
N GLY B 166 8.06 8.88 -34.13
CA GLY B 166 9.04 8.60 -33.10
C GLY B 166 10.16 9.61 -33.06
N ASP B 167 10.46 10.21 -34.20
CA ASP B 167 11.51 11.19 -34.24
C ASP B 167 11.12 12.52 -33.66
N ARG B 168 9.85 12.80 -33.52
CA ARG B 168 9.43 14.08 -32.98
C ARG B 168 8.59 14.02 -31.73
N VAL B 169 8.16 12.83 -31.33
CA VAL B 169 7.33 12.72 -30.16
C VAL B 169 8.09 11.91 -29.13
N LYS B 170 8.37 12.51 -27.98
CA LYS B 170 9.14 11.84 -26.95
C LYS B 170 8.26 11.10 -25.94
N TYR B 171 7.07 11.63 -25.66
CA TYR B 171 6.21 11.13 -24.60
C TYR B 171 4.93 10.54 -25.20
N TRP B 172 4.68 9.27 -24.89
CA TRP B 172 3.54 8.52 -25.40
C TRP B 172 2.73 7.92 -24.25
N VAL B 173 1.44 7.81 -24.44
CA VAL B 173 0.57 7.18 -23.49
C VAL B 173 -0.07 6.04 -24.26
N THR B 174 -0.10 4.85 -23.70
CA THR B 174 -0.68 3.73 -24.37
C THR B 174 -2.22 3.77 -24.40
N LEU B 175 -2.84 3.32 -23.33
CA LEU B 175 -4.28 3.28 -23.22
C LEU B 175 -4.72 4.32 -22.25
N ASN B 176 -5.72 5.10 -22.63
CA ASN B 176 -6.22 6.08 -21.73
C ASN B 176 -7.35 5.50 -20.92
N GLU B 177 -7.14 5.46 -19.62
CA GLU B 177 -8.18 5.03 -18.68
C GLU B 177 -8.80 3.70 -19.13
N GLN B 178 -7.94 2.72 -19.35
CA GLN B 178 -8.40 1.36 -19.60
C GLN B 178 -9.48 0.94 -18.60
N ASN B 179 -9.34 1.30 -17.32
CA ASN B 179 -10.34 0.90 -16.33
C ASN B 179 -11.70 1.53 -16.62
N ILE B 180 -11.73 2.68 -17.29
CA ILE B 180 -13.00 3.35 -17.58
C ILE B 180 -13.67 2.77 -18.83
N PHE B 181 -12.95 2.72 -19.97
CA PHE B 181 -13.63 2.27 -21.19
C PHE B 181 -13.94 0.77 -21.15
N ILE B 182 -13.16 -0.01 -20.39
CA ILE B 182 -13.49 -1.42 -20.23
C ILE B 182 -14.71 -1.56 -19.33
N SER B 183 -14.70 -0.89 -18.18
CA SER B 183 -15.80 -1.00 -17.21
C SER B 183 -17.08 -0.40 -17.77
N PHE B 184 -17.02 0.82 -18.31
CA PHE B 184 -18.22 1.44 -18.86
C PHE B 184 -18.72 0.70 -20.08
N GLY B 185 -17.81 0.15 -20.89
CA GLY B 185 -18.24 -0.53 -22.11
C GLY B 185 -18.70 -1.96 -21.91
N TYR B 186 -18.25 -2.63 -20.85
CA TYR B 186 -18.58 -4.05 -20.69
C TYR B 186 -19.28 -4.40 -19.39
N ARG B 187 -19.31 -3.51 -18.41
CA ARG B 187 -20.04 -3.79 -17.17
C ARG B 187 -21.25 -2.89 -16.99
N LEU B 188 -21.08 -1.57 -17.21
CA LEU B 188 -22.17 -0.64 -16.99
C LEU B 188 -22.96 -0.37 -18.27
N GLY B 189 -22.42 -0.73 -19.43
CA GLY B 189 -23.14 -0.53 -20.68
C GLY B 189 -23.30 0.92 -21.08
N LEU B 190 -22.50 1.83 -20.52
CA LEU B 190 -22.61 3.26 -20.81
C LEU B 190 -21.70 3.71 -21.95
N HIS B 191 -20.72 2.91 -22.32
CA HIS B 191 -19.81 3.10 -23.44
C HIS B 191 -19.99 1.96 -24.42
N PRO B 192 -19.60 2.14 -25.69
CA PRO B 192 -19.61 0.99 -26.59
C PRO B 192 -18.67 -0.08 -26.06
N PRO B 193 -19.02 -1.37 -26.20
CA PRO B 193 -20.18 -1.86 -26.96
C PRO B 193 -21.52 -1.87 -26.22
N GLY B 194 -21.63 -1.20 -25.08
CA GLY B 194 -22.92 -1.17 -24.40
C GLY B 194 -23.31 -2.47 -23.73
N VAL B 195 -22.32 -3.27 -23.33
CA VAL B 195 -22.50 -4.58 -22.70
C VAL B 195 -22.53 -4.43 -21.17
N LYS B 196 -23.31 -5.30 -20.52
CA LYS B 196 -23.34 -5.41 -19.05
C LYS B 196 -23.10 -6.89 -18.71
N ASP B 197 -21.82 -7.27 -18.67
CA ASP B 197 -21.44 -8.68 -18.52
C ASP B 197 -20.07 -8.70 -17.87
N MET B 198 -20.04 -9.01 -16.57
CA MET B 198 -18.78 -8.93 -15.84
C MET B 198 -17.76 -9.93 -16.37
N LYS B 199 -18.23 -11.10 -16.82
CA LYS B 199 -17.29 -12.07 -17.40
C LYS B 199 -16.59 -11.51 -18.63
N ARG B 200 -17.36 -10.95 -19.57
CA ARG B 200 -16.74 -10.36 -20.76
C ARG B 200 -15.85 -9.19 -20.38
N MET B 201 -16.30 -8.39 -19.41
CA MET B 201 -15.50 -7.26 -18.94
C MET B 201 -14.08 -7.67 -18.59
N TYR B 202 -13.92 -8.72 -17.77
CA TYR B 202 -12.59 -9.13 -17.32
C TYR B 202 -11.78 -9.79 -18.43
N GLU B 203 -12.46 -10.44 -19.39
CA GLU B 203 -11.75 -10.98 -20.55
C GLU B 203 -11.22 -9.85 -21.43
N ALA B 204 -12.08 -8.87 -21.73
CA ALA B 204 -11.62 -7.73 -22.52
C ALA B 204 -10.53 -6.96 -21.77
N ASN B 205 -10.66 -6.84 -20.45
CA ASN B 205 -9.65 -6.14 -19.68
C ASN B 205 -8.31 -6.86 -19.75
N HIS B 206 -8.32 -8.19 -19.66
CA HIS B 206 -7.08 -8.95 -19.77
C HIS B 206 -6.43 -8.78 -21.14
N ILE B 207 -7.23 -8.79 -22.20
CA ILE B 207 -6.69 -8.56 -23.54
C ILE B 207 -6.12 -7.15 -23.65
N ALA B 208 -6.82 -6.15 -23.11
CA ALA B 208 -6.26 -4.80 -23.12
C ALA B 208 -4.93 -4.75 -22.39
N ASN B 209 -4.80 -5.48 -21.28
CA ASN B 209 -3.52 -5.55 -20.57
C ASN B 209 -2.42 -6.07 -21.49
N LEU B 210 -2.73 -7.11 -22.27
CA LEU B 210 -1.73 -7.71 -23.14
C LEU B 210 -1.37 -6.78 -24.29
N ALA B 211 -2.37 -6.08 -24.83
CA ALA B 211 -2.13 -5.06 -25.84
C ALA B 211 -1.20 -3.97 -25.31
N ASN B 212 -1.45 -3.52 -24.08
CA ASN B 212 -0.61 -2.46 -23.52
C ASN B 212 0.84 -2.92 -23.41
N ALA B 213 1.05 -4.14 -22.90
CA ALA B 213 2.40 -4.68 -22.76
C ALA B 213 3.07 -4.87 -24.12
N LYS B 214 2.34 -5.44 -25.09
CA LYS B 214 2.91 -5.68 -26.41
C LYS B 214 3.47 -4.39 -27.03
N VAL B 215 2.72 -3.29 -26.95
CA VAL B 215 3.18 -2.08 -27.63
C VAL B 215 4.25 -1.34 -26.84
N ILE B 216 4.30 -1.52 -25.52
CA ILE B 216 5.44 -0.98 -24.77
C ILE B 216 6.72 -1.69 -25.21
N GLN B 217 6.64 -3.01 -25.44
CA GLN B 217 7.79 -3.74 -25.96
C GLN B 217 8.18 -3.22 -27.35
N SER B 218 7.21 -3.13 -28.27
CA SER B 218 7.49 -2.58 -29.59
C SER B 218 8.11 -1.19 -29.49
N PHE B 219 7.62 -0.39 -28.55
CA PHE B 219 8.16 0.95 -28.32
C PHE B 219 9.64 0.91 -27.98
N ARG B 220 10.06 -0.12 -27.23
CA ARG B 220 11.47 -0.23 -26.85
C ARG B 220 12.37 -0.43 -28.06
N HIS B 221 11.85 -1.07 -29.11
CA HIS B 221 12.61 -1.19 -30.34
C HIS B 221 12.52 0.08 -31.18
N TYR B 222 11.31 0.54 -31.48
CA TYR B 222 11.14 1.60 -32.47
C TYR B 222 11.44 2.99 -31.92
N VAL B 223 11.25 3.24 -30.63
CA VAL B 223 11.59 4.56 -30.09
C VAL B 223 12.51 4.38 -28.89
N PRO B 224 13.77 3.98 -29.10
CA PRO B 224 14.63 3.63 -27.95
C PRO B 224 14.92 4.79 -27.01
N ASP B 225 14.78 6.04 -27.45
CA ASP B 225 15.06 7.18 -26.61
C ASP B 225 13.80 7.81 -26.02
N GLY B 226 12.64 7.14 -26.15
CA GLY B 226 11.38 7.70 -25.73
C GLY B 226 10.90 7.16 -24.38
N LYS B 227 9.79 7.74 -23.92
CA LYS B 227 9.18 7.42 -22.64
C LYS B 227 7.71 7.13 -22.84
N ILE B 228 7.25 5.97 -22.34
CA ILE B 228 5.90 5.49 -22.56
C ILE B 228 5.31 4.99 -21.24
N GLY B 229 3.99 5.08 -21.13
CA GLY B 229 3.24 4.51 -20.02
C GLY B 229 1.75 4.61 -20.26
N PRO B 230 0.96 3.79 -19.56
CA PRO B 230 -0.50 3.93 -19.62
C PRO B 230 -0.94 5.10 -18.77
N SER B 231 -2.17 5.52 -18.98
CA SER B 231 -2.75 6.59 -18.16
C SER B 231 -3.97 6.02 -17.44
N PHE B 232 -3.89 5.93 -16.12
CA PHE B 232 -4.91 5.29 -15.32
C PHE B 232 -5.86 6.33 -14.75
N ALA B 233 -7.16 6.04 -14.77
CA ALA B 233 -8.16 6.90 -14.13
C ALA B 233 -8.17 6.55 -12.65
N TYR B 234 -7.50 7.39 -11.85
CA TYR B 234 -7.18 7.07 -10.47
C TYR B 234 -8.11 7.85 -9.55
N SER B 235 -8.99 7.14 -8.88
CA SER B 235 -9.71 7.71 -7.74
C SER B 235 -9.20 7.03 -6.48
N PRO B 236 -8.33 7.70 -5.69
CA PRO B 236 -7.88 7.10 -4.43
C PRO B 236 -9.06 6.86 -3.50
N MET B 237 -9.10 5.67 -2.90
CA MET B 237 -10.17 5.33 -1.96
C MET B 237 -9.83 5.82 -0.55
N TYR B 238 -10.88 6.22 0.19
CA TYR B 238 -10.88 6.57 1.61
C TYR B 238 -11.84 5.64 2.35
N PRO B 239 -11.51 5.23 3.57
CA PRO B 239 -12.54 4.62 4.41
C PRO B 239 -13.39 5.73 5.01
N TYR B 240 -14.67 5.42 5.22
CA TYR B 240 -15.57 6.41 5.81
C TYR B 240 -15.11 6.81 7.21
N ASP B 241 -14.68 5.83 8.01
CA ASP B 241 -14.23 6.12 9.38
C ASP B 241 -13.36 4.96 9.85
N SER B 242 -12.95 5.01 11.14
CA SER B 242 -12.03 4.03 11.70
C SER B 242 -12.71 2.76 12.17
N ARG B 243 -13.97 2.55 11.80
CA ARG B 243 -14.58 1.27 12.08
C ARG B 243 -13.84 0.20 11.28
N PRO B 244 -13.38 -0.88 11.93
CA PRO B 244 -12.59 -1.88 11.19
C PRO B 244 -13.28 -2.38 9.92
N GLU B 245 -14.59 -2.57 9.95
CA GLU B 245 -15.30 -3.07 8.77
C GLU B 245 -15.27 -2.04 7.63
N ASN B 246 -15.17 -0.76 7.95
CA ASN B 246 -15.08 0.23 6.89
C ASN B 246 -13.67 0.34 6.35
N VAL B 247 -12.66 0.15 7.20
CA VAL B 247 -11.29 0.12 6.73
C VAL B 247 -11.07 -1.09 5.85
N LEU B 248 -11.66 -2.23 6.23
CA LEU B 248 -11.58 -3.40 5.38
C LEU B 248 -12.26 -3.14 4.04
N ALA B 249 -13.40 -2.45 4.06
CA ALA B 249 -14.04 -2.05 2.81
C ALA B 249 -13.11 -1.18 1.98
N PHE B 250 -12.39 -0.26 2.62
CA PHE B 250 -11.39 0.53 1.92
C PHE B 250 -10.29 -0.35 1.33
N GLU B 251 -9.81 -1.35 2.09
CA GLU B 251 -8.82 -2.26 1.54
C GLU B 251 -9.35 -2.95 0.29
N ASN B 252 -10.59 -3.46 0.35
CA ASN B 252 -11.18 -4.13 -0.80
C ASN B 252 -11.34 -3.18 -1.97
N ALA B 253 -11.77 -1.95 -1.70
CA ALA B 253 -12.04 -1.00 -2.79
C ALA B 253 -10.75 -0.58 -3.49
N GLU B 254 -9.68 -0.31 -2.73
CA GLU B 254 -8.44 0.12 -3.38
C GLU B 254 -7.84 -1.02 -4.19
N GLU B 255 -7.96 -2.26 -3.70
CA GLU B 255 -7.40 -3.36 -4.46
C GLU B 255 -8.24 -3.68 -5.70
N PHE B 256 -9.55 -3.62 -5.57
CA PHE B 256 -10.41 -3.98 -6.70
C PHE B 256 -10.50 -2.87 -7.74
N GLN B 257 -10.56 -1.61 -7.30
CA GLN B 257 -10.70 -0.50 -8.23
C GLN B 257 -9.36 -0.01 -8.76
N ASN B 258 -8.30 -0.11 -7.96
CA ASN B 258 -7.04 0.55 -8.33
C ASN B 258 -5.91 -0.43 -8.53
N HIS B 259 -5.58 -1.27 -7.53
CA HIS B 259 -4.47 -2.18 -7.72
C HIS B 259 -4.71 -3.16 -8.87
N TRP B 260 -5.98 -3.47 -9.16
CA TRP B 260 -6.29 -4.41 -10.22
C TRP B 260 -5.67 -4.00 -11.55
N TRP B 261 -5.58 -2.69 -11.80
CA TRP B 261 -4.92 -2.16 -12.98
C TRP B 261 -3.46 -1.79 -12.73
N MET B 262 -3.18 -1.03 -11.67
CA MET B 262 -1.84 -0.47 -11.50
C MET B 262 -0.80 -1.51 -11.14
N ASP B 263 -1.18 -2.58 -10.41
CA ASP B 263 -0.25 -3.67 -10.18
C ASP B 263 0.15 -4.35 -11.48
N VAL B 264 -0.80 -4.52 -12.39
CA VAL B 264 -0.48 -5.09 -13.70
C VAL B 264 0.43 -4.15 -14.48
N TYR B 265 0.09 -2.87 -14.51
CA TYR B 265 0.97 -1.90 -15.19
C TYR B 265 2.38 -1.94 -14.63
N ALA B 266 2.52 -2.04 -13.31
CA ALA B 266 3.83 -1.85 -12.70
C ALA B 266 4.58 -3.15 -12.41
N TRP B 267 3.87 -4.23 -12.11
CA TRP B 267 4.52 -5.47 -11.74
C TRP B 267 4.17 -6.64 -12.64
N GLY B 268 3.21 -6.48 -13.57
CA GLY B 268 2.79 -7.58 -14.40
C GLY B 268 1.96 -8.62 -13.71
N MET B 269 1.35 -8.31 -12.57
CA MET B 269 0.62 -9.31 -11.79
C MET B 269 -0.70 -8.73 -11.32
N TYR B 270 -1.73 -9.56 -11.30
CA TYR B 270 -2.98 -9.17 -10.66
C TYR B 270 -2.86 -9.34 -9.14
N PRO B 271 -3.53 -8.48 -8.36
CA PRO B 271 -3.58 -8.70 -6.91
C PRO B 271 -4.34 -9.97 -6.54
N GLN B 272 -3.84 -10.66 -5.52
CA GLN B 272 -4.30 -12.04 -5.26
C GLN B 272 -5.70 -12.07 -4.63
N ALA B 273 -5.99 -11.18 -3.69
CA ALA B 273 -7.31 -11.19 -3.07
C ALA B 273 -8.42 -10.93 -4.10
N ALA B 274 -8.21 -9.96 -5.00
CA ALA B 274 -9.22 -9.73 -6.04
C ALA B 274 -9.31 -10.91 -7.00
N TRP B 275 -8.17 -11.54 -7.32
CA TRP B 275 -8.18 -12.69 -8.19
C TRP B 275 -8.97 -13.84 -7.59
N ASN B 276 -8.69 -14.17 -6.32
CA ASN B 276 -9.37 -15.29 -5.68
C ASN B 276 -10.86 -15.06 -5.62
N TYR B 277 -11.26 -13.81 -5.37
CA TYR B 277 -12.67 -13.47 -5.34
C TYR B 277 -13.32 -13.68 -6.71
N LEU B 278 -12.66 -13.19 -7.78
CA LEU B 278 -13.19 -13.42 -9.12
C LEU B 278 -13.18 -14.92 -9.47
N GLU B 279 -12.11 -15.63 -9.09
CA GLU B 279 -12.01 -17.04 -9.42
C GLU B 279 -13.10 -17.84 -8.74
N SER B 280 -13.49 -17.45 -7.52
CA SER B 280 -14.57 -18.13 -6.82
C SER B 280 -15.90 -18.03 -7.57
N GLN B 281 -16.00 -17.12 -8.53
CA GLN B 281 -17.25 -16.90 -9.26
C GLN B 281 -17.11 -17.20 -10.74
N GLY B 282 -16.02 -17.82 -11.17
CA GLY B 282 -15.78 -18.07 -12.57
C GLY B 282 -15.50 -16.84 -13.40
N LEU B 283 -15.34 -15.67 -12.77
CA LEU B 283 -15.20 -14.40 -13.47
C LEU B 283 -13.76 -14.06 -13.81
N GLU B 284 -12.79 -14.90 -13.46
CA GLU B 284 -11.41 -14.55 -13.74
C GLU B 284 -11.13 -14.70 -15.23
N PRO B 285 -10.19 -13.92 -15.76
CA PRO B 285 -9.93 -13.98 -17.20
C PRO B 285 -9.20 -15.25 -17.59
N THR B 286 -9.32 -15.59 -18.87
CA THR B 286 -8.65 -16.74 -19.47
C THR B 286 -7.18 -16.41 -19.69
N VAL B 287 -6.31 -17.05 -18.97
CA VAL B 287 -4.88 -16.84 -19.16
C VAL B 287 -4.37 -17.89 -20.13
N ALA B 288 -3.43 -17.51 -20.98
CA ALA B 288 -2.81 -18.40 -21.94
C ALA B 288 -1.31 -18.46 -21.68
N PRO B 289 -0.62 -19.49 -22.17
CA PRO B 289 0.84 -19.55 -21.99
C PRO B 289 1.50 -18.35 -22.64
N GLY B 290 2.46 -17.76 -21.92
CA GLY B 290 3.14 -16.57 -22.36
C GLY B 290 2.55 -15.26 -21.86
N ASP B 291 1.30 -15.27 -21.40
CA ASP B 291 0.67 -14.04 -20.94
C ASP B 291 1.46 -13.40 -19.79
N TRP B 292 1.79 -14.18 -18.76
CA TRP B 292 2.52 -13.63 -17.63
C TRP B 292 3.90 -13.14 -18.07
N GLU B 293 4.60 -13.95 -18.85
CA GLU B 293 5.92 -13.55 -19.33
C GLU B 293 5.85 -12.23 -20.08
N LEU B 294 4.81 -12.04 -20.89
CA LEU B 294 4.65 -10.78 -21.61
C LEU B 294 4.31 -9.65 -20.65
N LEU B 295 3.31 -9.85 -19.79
CA LEU B 295 2.91 -8.79 -18.87
C LEU B 295 4.06 -8.38 -17.96
N GLN B 296 4.87 -9.34 -17.52
CA GLN B 296 5.95 -9.01 -16.60
C GLN B 296 7.18 -8.45 -17.30
N ALA B 297 7.25 -8.50 -18.63
CA ALA B 297 8.41 -8.03 -19.37
C ALA B 297 8.13 -6.75 -20.15
N ALA B 298 7.44 -5.79 -19.52
CA ALA B 298 6.99 -4.59 -20.21
C ALA B 298 6.88 -3.43 -19.23
N LYS B 299 8.01 -3.03 -18.68
CA LYS B 299 7.99 -1.99 -17.67
C LYS B 299 7.78 -0.63 -18.33
N PRO B 300 6.87 0.20 -17.82
CA PRO B 300 6.68 1.54 -18.39
C PRO B 300 7.69 2.52 -17.81
N ASP B 301 7.84 3.64 -18.52
CA ASP B 301 8.73 4.68 -18.04
C ASP B 301 8.08 5.51 -16.94
N PHE B 302 6.76 5.58 -16.92
CA PHE B 302 6.05 6.35 -15.92
C PHE B 302 4.67 5.74 -15.73
N MET B 303 3.99 6.17 -14.68
CA MET B 303 2.56 5.93 -14.53
C MET B 303 1.83 7.20 -14.90
N GLY B 304 1.01 7.14 -15.94
CA GLY B 304 0.13 8.26 -16.23
C GLY B 304 -1.07 8.21 -15.30
N VAL B 305 -1.46 9.38 -14.82
CA VAL B 305 -2.54 9.47 -13.85
C VAL B 305 -3.51 10.53 -14.32
N ASN B 306 -4.76 10.14 -14.52
CA ASN B 306 -5.87 11.07 -14.67
C ASN B 306 -6.58 11.14 -13.33
N TYR B 307 -6.64 12.32 -12.74
CA TYR B 307 -7.17 12.48 -11.39
C TYR B 307 -8.24 13.55 -11.39
N TYR B 308 -9.39 13.23 -10.81
CA TYR B 308 -10.42 14.25 -10.66
C TYR B 308 -10.95 14.29 -9.23
N GLN B 309 -10.95 13.15 -8.56
CA GLN B 309 -11.63 13.07 -7.26
C GLN B 309 -11.23 11.78 -6.55
N THR B 310 -11.36 11.82 -5.24
CA THR B 310 -11.29 10.62 -4.40
C THR B 310 -12.68 10.03 -4.23
N THR B 311 -12.72 8.82 -3.67
CA THR B 311 -13.96 8.10 -3.39
C THR B 311 -13.91 7.56 -1.96
N THR B 312 -14.93 7.87 -1.16
CA THR B 312 -15.05 7.36 0.20
C THR B 312 -16.00 6.16 0.18
N VAL B 313 -15.65 5.11 0.95
CA VAL B 313 -16.38 3.86 0.90
C VAL B 313 -16.71 3.40 2.31
N GLU B 314 -17.70 2.52 2.41
CA GLU B 314 -18.00 1.87 3.67
C GLU B 314 -18.38 0.42 3.38
N HIS B 315 -18.58 -0.34 4.46
CA HIS B 315 -18.93 -1.74 4.33
C HIS B 315 -20.24 -1.88 3.58
N ASN B 316 -20.39 -2.98 2.87
CA ASN B 316 -21.58 -3.22 2.06
C ASN B 316 -21.99 -4.68 2.14
N PRO B 317 -23.19 -4.96 2.63
CA PRO B 317 -23.62 -6.36 2.83
C PRO B 317 -23.71 -7.12 1.52
N PRO B 318 -23.68 -8.45 1.57
CA PRO B 318 -23.83 -9.25 0.33
C PRO B 318 -25.08 -8.95 -0.48
N ASP B 319 -26.14 -8.43 0.16
CA ASP B 319 -27.35 -8.06 -0.53
C ASP B 319 -27.49 -6.55 -0.70
N GLY B 320 -26.38 -5.82 -0.60
CA GLY B 320 -26.40 -4.37 -0.54
C GLY B 320 -26.34 -3.73 -1.90
N VAL B 321 -25.73 -2.54 -1.95
CA VAL B 321 -25.80 -1.71 -3.14
C VAL B 321 -24.97 -2.32 -4.26
N GLY B 322 -25.48 -2.19 -5.49
CA GLY B 322 -24.73 -2.58 -6.67
C GLY B 322 -24.56 -1.36 -7.54
N GLU B 323 -25.22 -1.32 -8.70
CA GLU B 323 -25.13 -0.17 -9.57
C GLU B 323 -25.90 1.01 -8.97
N GLY B 324 -25.33 2.22 -9.11
CA GLY B 324 -25.99 3.43 -8.69
C GLY B 324 -26.23 4.38 -9.85
N VAL B 325 -26.93 5.47 -9.55
CA VAL B 325 -27.19 6.54 -10.52
C VAL B 325 -25.96 7.43 -10.66
N MET B 326 -25.56 7.70 -11.90
CA MET B 326 -24.51 8.66 -12.19
C MET B 326 -25.11 9.94 -12.76
N ASN B 327 -24.59 11.08 -12.30
CA ASN B 327 -25.10 12.39 -12.69
C ASN B 327 -24.56 12.75 -14.07
N THR B 328 -25.43 12.73 -15.09
CA THR B 328 -25.05 13.16 -16.42
C THR B 328 -25.70 14.49 -16.82
N THR B 329 -26.35 15.18 -15.87
CA THR B 329 -27.16 16.35 -16.18
C THR B 329 -26.69 17.64 -15.51
N GLY B 330 -25.75 17.58 -14.59
CA GLY B 330 -25.34 18.79 -13.91
C GLY B 330 -26.32 19.30 -12.89
N LYS B 331 -27.34 18.53 -12.57
CA LYS B 331 -28.29 18.86 -11.51
C LYS B 331 -27.76 18.26 -10.21
N LYS B 332 -27.24 19.12 -9.33
CA LYS B 332 -26.48 18.65 -8.18
C LYS B 332 -27.32 17.73 -7.30
N GLY B 333 -26.66 16.73 -6.72
CA GLY B 333 -27.30 15.87 -5.74
C GLY B 333 -28.15 14.75 -6.30
N THR B 334 -27.95 14.35 -7.55
CA THR B 334 -28.77 13.32 -8.14
C THR B 334 -28.06 11.98 -8.30
N SER B 335 -26.76 11.91 -8.06
CA SER B 335 -26.10 10.61 -8.10
C SER B 335 -26.38 9.84 -6.80
N THR B 336 -26.29 8.52 -6.89
CA THR B 336 -26.52 7.67 -5.74
C THR B 336 -25.34 6.72 -5.58
N SER B 337 -25.27 6.10 -4.40
CA SER B 337 -24.17 5.21 -4.06
C SER B 337 -24.14 3.99 -4.96
N SER B 338 -22.94 3.54 -5.29
CA SER B 338 -22.74 2.27 -5.99
C SER B 338 -21.73 1.45 -5.21
N GLY B 339 -21.63 0.17 -5.55
CA GLY B 339 -20.74 -0.68 -4.80
C GLY B 339 -20.67 -2.05 -5.42
N ILE B 340 -19.90 -2.91 -4.76
CA ILE B 340 -19.90 -4.34 -5.03
C ILE B 340 -20.50 -5.01 -3.80
N PRO B 341 -21.60 -5.77 -3.95
CA PRO B 341 -22.20 -6.42 -2.79
C PRO B 341 -21.18 -7.29 -2.06
N GLY B 342 -21.14 -7.13 -0.74
CA GLY B 342 -20.22 -7.86 0.10
C GLY B 342 -18.87 -7.18 0.30
N LEU B 343 -18.45 -6.32 -0.63
CA LEU B 343 -17.10 -5.77 -0.61
C LEU B 343 -17.06 -4.33 -0.11
N PHE B 344 -17.77 -3.43 -0.79
CA PHE B 344 -17.73 -2.02 -0.43
C PHE B 344 -18.84 -1.28 -1.16
N LYS B 345 -19.15 -0.09 -0.66
CA LYS B 345 -20.08 0.84 -1.29
C LYS B 345 -19.56 2.25 -1.13
N THR B 346 -19.82 3.09 -2.13
CA THR B 346 -19.45 4.49 -2.02
C THR B 346 -20.40 5.20 -1.06
N VAL B 347 -19.90 6.26 -0.45
CA VAL B 347 -20.67 7.06 0.49
C VAL B 347 -20.21 8.49 0.35
N ARG B 348 -21.14 9.43 0.58
CA ARG B 348 -20.80 10.83 0.47
C ARG B 348 -19.77 11.21 1.53
N ASN B 349 -18.69 11.85 1.10
CA ASN B 349 -17.67 12.34 2.02
C ASN B 349 -18.10 13.70 2.54
N PRO B 350 -18.54 13.80 3.81
CA PRO B 350 -19.04 15.09 4.33
C PRO B 350 -17.96 16.15 4.48
N HIS B 351 -16.69 15.86 4.20
CA HIS B 351 -15.64 16.84 4.44
C HIS B 351 -15.16 17.52 3.16
N VAL B 352 -15.76 17.22 2.01
CA VAL B 352 -15.35 17.86 0.77
C VAL B 352 -16.58 18.43 0.07
N ASP B 353 -16.35 19.47 -0.73
CA ASP B 353 -17.39 19.98 -1.60
C ASP B 353 -17.48 19.13 -2.86
N THR B 354 -18.56 19.32 -3.60
CA THR B 354 -18.75 18.60 -4.86
C THR B 354 -19.19 19.59 -5.94
N THR B 355 -18.93 19.19 -7.19
CA THR B 355 -19.33 19.97 -8.35
C THR B 355 -20.83 19.76 -8.63
N ASN B 356 -21.34 20.41 -9.67
CA ASN B 356 -22.74 20.23 -10.04
C ASN B 356 -23.02 18.87 -10.63
N TRP B 357 -21.99 18.14 -11.05
CA TRP B 357 -22.13 16.74 -11.46
C TRP B 357 -21.81 15.77 -10.32
N ASP B 358 -21.73 16.27 -9.08
CA ASP B 358 -21.52 15.49 -7.86
C ASP B 358 -20.11 14.93 -7.74
N TRP B 359 -19.15 15.47 -8.48
CA TRP B 359 -17.76 15.04 -8.36
C TRP B 359 -17.13 15.70 -7.14
N ALA B 360 -16.42 14.90 -6.34
CA ALA B 360 -15.75 15.44 -5.16
C ALA B 360 -14.62 16.38 -5.56
N ILE B 361 -14.50 17.49 -4.85
CA ILE B 361 -13.38 18.40 -5.02
C ILE B 361 -12.43 18.16 -3.86
N ASP B 362 -11.29 17.55 -4.15
CA ASP B 362 -10.40 17.03 -3.10
C ASP B 362 -8.97 17.14 -3.60
N PRO B 363 -8.39 18.34 -3.57
CA PRO B 363 -7.01 18.48 -4.03
C PRO B 363 -6.01 17.76 -3.13
N VAL B 364 -6.28 17.65 -1.82
CA VAL B 364 -5.38 16.85 -0.99
C VAL B 364 -5.42 15.40 -1.45
N GLY B 365 -6.58 14.93 -1.93
CA GLY B 365 -6.66 13.60 -2.52
C GLY B 365 -5.63 13.34 -3.60
N LEU B 366 -5.24 14.39 -4.35
CA LEU B 366 -4.24 14.19 -5.40
C LEU B 366 -2.86 13.92 -4.81
N ARG B 367 -2.48 14.68 -3.77
CA ARG B 367 -1.22 14.41 -3.09
C ARG B 367 -1.23 13.01 -2.46
N ILE B 368 -2.30 12.66 -1.77
CA ILE B 368 -2.44 11.30 -1.25
C ILE B 368 -2.22 10.28 -2.37
N GLY B 369 -2.88 10.47 -3.51
CA GLY B 369 -2.78 9.51 -4.58
C GLY B 369 -1.38 9.42 -5.17
N LEU B 370 -0.75 10.59 -5.39
CA LEU B 370 0.64 10.59 -5.89
C LEU B 370 1.56 9.86 -4.92
N ARG B 371 1.39 10.11 -3.62
CA ARG B 371 2.18 9.43 -2.59
C ARG B 371 1.99 7.92 -2.65
N ARG B 372 0.73 7.46 -2.77
CA ARG B 372 0.48 6.02 -2.78
C ARG B 372 1.17 5.35 -3.96
N ILE B 373 1.16 5.99 -5.13
CA ILE B 373 1.79 5.41 -6.32
C ILE B 373 3.31 5.40 -6.18
N ALA B 374 3.89 6.53 -5.75
CA ALA B 374 5.32 6.56 -5.49
C ALA B 374 5.70 5.50 -4.47
N ASN B 375 4.96 5.44 -3.38
CA ASN B 375 5.25 4.54 -2.29
C ASN B 375 5.17 3.09 -2.72
N ARG B 376 4.15 2.75 -3.48
CA ARG B 376 3.95 1.38 -3.87
C ARG B 376 4.75 0.93 -5.07
N TYR B 377 4.85 1.74 -6.10
CA TYR B 377 5.53 1.35 -7.33
C TYR B 377 6.87 1.98 -7.65
N GLN B 378 7.21 3.08 -7.00
CA GLN B 378 8.48 3.70 -7.22
C GLN B 378 8.61 4.22 -8.66
N LEU B 379 7.58 4.85 -9.18
CA LEU B 379 7.63 5.27 -10.55
C LEU B 379 7.39 6.71 -10.69
N PRO B 380 8.01 7.32 -11.68
CA PRO B 380 7.65 8.70 -12.01
C PRO B 380 6.20 8.76 -12.42
N ILE B 381 5.59 9.94 -12.26
CA ILE B 381 4.18 10.13 -12.55
C ILE B 381 4.03 11.27 -13.55
N LEU B 382 3.29 11.04 -14.63
CA LEU B 382 2.85 12.12 -15.52
C LEU B 382 1.37 12.33 -15.26
N ILE B 383 1.00 13.49 -14.73
CA ILE B 383 -0.41 13.77 -14.54
C ILE B 383 -0.97 14.15 -15.91
N THR B 384 -1.65 13.21 -16.55
CA THR B 384 -2.10 13.35 -17.93
C THR B 384 -3.49 13.97 -18.04
N GLU B 385 -4.21 14.08 -16.94
CA GLU B 385 -5.50 14.78 -16.87
C GLU B 385 -5.77 15.21 -15.44
N ASN B 386 -6.23 16.45 -15.30
CA ASN B 386 -6.85 16.97 -14.09
C ASN B 386 -7.58 18.24 -14.47
N GLY B 387 -8.79 18.44 -13.96
CA GLY B 387 -9.50 19.65 -14.32
C GLY B 387 -10.86 19.70 -13.67
N LEU B 388 -11.54 20.83 -13.87
CA LEU B 388 -12.85 21.08 -13.29
C LEU B 388 -13.89 21.26 -14.40
N GLY B 389 -14.85 20.36 -14.46
CA GLY B 389 -15.96 20.45 -15.40
C GLY B 389 -17.14 21.16 -14.76
N GLU B 390 -17.53 22.31 -15.32
CA GLU B 390 -18.59 23.11 -14.74
C GLU B 390 -19.27 23.91 -15.83
N PHE B 391 -20.41 24.52 -15.47
CA PHE B 391 -21.05 25.49 -16.34
C PHE B 391 -20.20 26.76 -16.43
N ASP B 392 -20.11 27.33 -17.63
CA ASP B 392 -19.52 28.64 -17.82
C ASP B 392 -20.55 29.56 -18.43
N THR B 393 -20.48 30.83 -18.08
CA THR B 393 -21.33 31.85 -18.68
C THR B 393 -20.45 32.78 -19.52
N LEU B 394 -20.85 33.00 -20.76
CA LEU B 394 -20.21 34.03 -21.57
C LEU B 394 -20.81 35.39 -21.23
N GLU B 395 -19.94 36.36 -20.96
CA GLU B 395 -20.36 37.71 -20.57
C GLU B 395 -20.14 38.69 -21.71
N PRO B 396 -20.93 39.76 -21.77
CA PRO B 396 -20.67 40.84 -22.73
C PRO B 396 -19.24 41.34 -22.60
N GLY B 397 -18.60 41.56 -23.74
CA GLY B 397 -17.18 41.86 -23.76
C GLY B 397 -16.27 40.67 -23.86
N ASP B 398 -16.80 39.48 -24.17
CA ASP B 398 -15.99 38.26 -24.33
C ASP B 398 -15.27 37.89 -23.04
N ILE B 399 -16.03 37.90 -21.94
CA ILE B 399 -15.49 37.65 -20.61
C ILE B 399 -16.06 36.34 -20.07
N VAL B 400 -15.19 35.39 -19.74
CA VAL B 400 -15.58 34.17 -19.05
C VAL B 400 -14.84 34.18 -17.70
N ASN B 401 -15.58 34.49 -16.63
CA ASN B 401 -15.01 34.65 -15.28
C ASN B 401 -15.09 33.31 -14.55
N ASP B 402 -14.16 32.41 -14.85
CA ASP B 402 -14.24 31.06 -14.30
C ASP B 402 -13.33 30.91 -13.07
N ASP B 403 -13.68 31.66 -12.02
CA ASP B 403 -12.87 31.67 -10.81
C ASP B 403 -12.89 30.32 -10.12
N TYR B 404 -14.06 29.68 -10.09
CA TYR B 404 -14.19 28.31 -9.61
C TYR B 404 -13.12 27.40 -10.21
N ARG B 405 -12.81 27.58 -11.50
CA ARG B 405 -11.85 26.68 -12.15
C ARG B 405 -10.42 27.06 -11.80
N ILE B 406 -10.13 28.37 -11.71
CA ILE B 406 -8.81 28.80 -11.28
C ILE B 406 -8.52 28.28 -9.87
N ASP B 407 -9.49 28.36 -8.97
CA ASP B 407 -9.25 27.92 -7.61
C ASP B 407 -9.07 26.41 -7.55
N TYR B 408 -9.89 25.65 -8.29
CA TYR B 408 -9.71 24.20 -8.37
C TYR B 408 -8.31 23.85 -8.83
N LEU B 409 -7.85 24.47 -9.93
CA LEU B 409 -6.55 24.11 -10.47
C LEU B 409 -5.42 24.59 -9.57
N ARG B 410 -5.58 25.77 -8.99
CA ARG B 410 -4.54 26.31 -8.09
C ARG B 410 -4.29 25.36 -6.93
N ARG B 411 -5.36 24.84 -6.33
CA ARG B 411 -5.21 23.97 -5.16
C ARG B 411 -4.64 22.61 -5.53
N HIS B 412 -4.96 22.09 -6.71
CA HIS B 412 -4.35 20.85 -7.14
C HIS B 412 -2.88 21.03 -7.47
N VAL B 413 -2.53 22.15 -8.12
CA VAL B 413 -1.13 22.41 -8.43
C VAL B 413 -0.33 22.60 -7.15
N GLN B 414 -0.90 23.28 -6.16
CA GLN B 414 -0.22 23.44 -4.88
C GLN B 414 0.05 22.08 -4.23
N GLU B 415 -0.91 21.14 -4.34
CA GLU B 415 -0.70 19.83 -3.73
C GLU B 415 0.32 19.02 -4.52
N ILE B 416 0.44 19.26 -5.82
CA ILE B 416 1.48 18.59 -6.59
C ILE B 416 2.87 19.02 -6.13
N GLN B 417 3.04 20.31 -5.82
CA GLN B 417 4.35 20.77 -5.35
C GLN B 417 4.70 20.16 -4.00
N ARG B 418 3.71 20.02 -3.12
CA ARG B 418 3.94 19.32 -1.85
C ARG B 418 4.27 17.85 -2.06
N ALA B 419 3.62 17.21 -3.04
CA ALA B 419 3.98 15.83 -3.36
C ALA B 419 5.40 15.75 -3.90
N ILE B 420 5.78 16.72 -4.75
CA ILE B 420 7.14 16.77 -5.23
C ILE B 420 8.11 16.96 -4.06
N THR B 421 7.74 17.83 -3.12
CA THR B 421 8.59 18.03 -1.94
C THR B 421 8.70 16.74 -1.13
N ASP B 422 7.60 16.00 -1.00
CA ASP B 422 7.60 14.70 -0.34
C ASP B 422 8.41 13.66 -1.09
N GLY B 423 8.96 13.98 -2.26
CA GLY B 423 9.77 13.04 -2.99
C GLY B 423 9.10 12.36 -4.16
N VAL B 424 7.87 12.73 -4.51
CA VAL B 424 7.24 12.13 -5.69
C VAL B 424 7.84 12.78 -6.94
N ASP B 425 8.29 11.95 -7.88
CA ASP B 425 8.84 12.42 -9.15
C ASP B 425 7.70 12.63 -10.15
N VAL B 426 7.20 13.86 -10.18
CA VAL B 426 6.12 14.24 -11.10
C VAL B 426 6.76 14.84 -12.35
N LEU B 427 6.54 14.20 -13.50
CA LEU B 427 7.18 14.65 -14.74
C LEU B 427 6.48 15.87 -15.35
N GLY B 428 5.19 16.02 -15.10
CA GLY B 428 4.46 17.08 -15.73
C GLY B 428 3.00 17.02 -15.34
N TYR B 429 2.27 18.04 -15.78
CA TYR B 429 0.88 18.23 -15.43
C TYR B 429 0.13 18.69 -16.68
N CYS B 430 -0.86 17.91 -17.12
CA CYS B 430 -1.70 18.26 -18.26
C CYS B 430 -3.11 18.54 -17.76
N ALA B 431 -3.51 19.80 -17.82
CA ALA B 431 -4.86 20.17 -17.40
C ALA B 431 -5.88 19.72 -18.44
N TRP B 432 -7.03 19.27 -17.97
CA TRP B 432 -8.15 18.91 -18.85
C TRP B 432 -9.17 20.03 -18.76
N SER B 433 -9.43 20.77 -19.85
CA SER B 433 -8.91 20.55 -21.18
C SER B 433 -8.41 21.89 -21.73
N PHE B 434 -7.72 21.89 -22.87
CA PHE B 434 -7.28 23.18 -23.42
C PHE B 434 -8.46 24.01 -23.90
N THR B 435 -9.21 23.53 -24.90
CA THR B 435 -10.48 24.17 -25.21
C THR B 435 -11.62 23.37 -24.60
N ASP B 436 -12.78 24.02 -24.49
CA ASP B 436 -14.02 23.29 -24.28
C ASP B 436 -14.16 22.22 -25.34
N LEU B 437 -14.75 21.09 -24.96
CA LEU B 437 -14.91 19.97 -25.88
C LEU B 437 -16.16 19.20 -25.49
N LEU B 438 -16.51 18.21 -26.32
CA LEU B 438 -17.69 17.41 -26.07
C LEU B 438 -17.39 16.42 -24.95
N SER B 439 -18.18 16.47 -23.90
CA SER B 439 -18.10 15.43 -22.87
C SER B 439 -18.91 14.22 -23.32
N TRP B 440 -18.30 13.02 -23.23
CA TRP B 440 -18.90 11.82 -23.81
C TRP B 440 -20.37 11.67 -23.43
N LEU B 441 -20.66 11.70 -22.13
CA LEU B 441 -21.99 11.44 -21.61
C LEU B 441 -22.69 12.70 -21.10
N ASN B 442 -22.00 13.83 -21.04
CA ASN B 442 -22.53 15.02 -20.42
C ASN B 442 -22.76 16.16 -21.41
N GLY B 443 -22.36 16.00 -22.67
CA GLY B 443 -22.65 17.02 -23.66
C GLY B 443 -21.62 18.14 -23.63
N TYR B 444 -22.05 19.31 -24.13
CA TYR B 444 -21.17 20.46 -24.24
C TYR B 444 -21.22 21.40 -23.04
N GLN B 445 -22.31 21.39 -22.28
CA GLN B 445 -22.44 22.30 -21.14
C GLN B 445 -21.44 22.00 -20.02
N LYS B 446 -20.95 20.77 -19.91
CA LYS B 446 -19.96 20.45 -18.89
C LYS B 446 -18.59 20.82 -19.46
N ARG B 447 -18.15 22.04 -19.15
CA ARG B 447 -16.98 22.64 -19.75
C ARG B 447 -15.74 22.49 -18.88
N TYR B 448 -14.62 22.15 -19.51
CA TYR B 448 -13.33 22.02 -18.86
C TYR B 448 -12.27 22.99 -19.36
N GLY B 449 -12.53 23.77 -20.42
CA GLY B 449 -11.44 24.39 -21.14
C GLY B 449 -10.84 25.63 -20.48
N PHE B 450 -9.59 25.93 -20.84
CA PHE B 450 -9.10 27.30 -20.68
C PHE B 450 -9.68 28.24 -21.74
N VAL B 451 -10.08 27.68 -22.88
CA VAL B 451 -10.63 28.45 -24.00
C VAL B 451 -12.08 28.04 -24.16
N TYR B 452 -12.98 29.00 -24.00
CA TYR B 452 -14.40 28.76 -24.22
C TYR B 452 -14.65 28.55 -25.72
N VAL B 453 -15.49 27.57 -26.05
CA VAL B 453 -15.92 27.35 -27.42
C VAL B 453 -17.41 27.66 -27.51
N ASN B 454 -17.78 28.49 -28.50
CA ASN B 454 -19.13 29.03 -28.66
C ASN B 454 -20.03 28.00 -29.36
N ARG B 455 -20.54 27.07 -28.55
CA ARG B 455 -21.65 26.20 -28.93
C ARG B 455 -22.23 25.62 -27.66
N ASP B 456 -23.44 25.08 -27.77
CA ASP B 456 -24.08 24.41 -26.64
C ASP B 456 -24.74 23.14 -27.17
N ASP B 457 -25.65 22.57 -26.37
CA ASP B 457 -26.27 21.30 -26.72
C ASP B 457 -27.47 21.45 -27.64
N GLU B 458 -27.94 22.68 -27.87
CA GLU B 458 -29.03 22.97 -28.80
C GLU B 458 -28.54 23.56 -30.11
N SER B 459 -27.56 24.47 -30.05
CA SER B 459 -27.13 25.25 -31.20
C SER B 459 -25.64 25.05 -31.40
N GLU B 460 -25.24 24.80 -32.65
CA GLU B 460 -23.83 24.69 -32.97
C GLU B 460 -23.14 26.04 -33.14
N LYS B 461 -23.91 27.13 -33.28
CA LYS B 461 -23.40 28.49 -33.40
C LYS B 461 -22.18 28.56 -34.33
N ASP B 462 -21.13 29.30 -33.94
CA ASP B 462 -19.97 29.48 -34.81
C ASP B 462 -18.69 28.82 -34.30
N LEU B 463 -18.73 28.18 -33.12
CA LEU B 463 -17.56 27.51 -32.55
C LEU B 463 -16.39 28.48 -32.29
N ARG B 464 -16.67 29.76 -32.08
CA ARG B 464 -15.56 30.68 -31.91
C ARG B 464 -14.90 30.47 -30.56
N ARG B 465 -13.57 30.58 -30.55
CA ARG B 465 -12.78 30.45 -29.33
C ARG B 465 -12.76 31.76 -28.56
N ILE B 466 -12.90 31.67 -27.24
CA ILE B 466 -12.83 32.83 -26.35
C ILE B 466 -11.99 32.46 -25.14
N LYS B 467 -10.98 33.28 -24.82
CA LYS B 467 -10.13 32.99 -23.67
C LYS B 467 -10.86 33.28 -22.36
N LYS B 468 -10.87 32.28 -21.48
CA LYS B 468 -11.46 32.44 -20.15
C LYS B 468 -10.44 33.09 -19.22
N LYS B 469 -10.94 33.60 -18.09
CA LYS B 469 -10.05 34.07 -17.02
C LYS B 469 -8.98 33.05 -16.68
N SER B 470 -9.31 31.75 -16.73
CA SER B 470 -8.33 30.72 -16.34
C SER B 470 -7.18 30.61 -17.33
N PHE B 471 -7.42 30.95 -18.61
CA PHE B 471 -6.35 31.00 -19.60
C PHE B 471 -5.19 31.86 -19.11
N TYR B 472 -5.51 33.04 -18.60
CA TYR B 472 -4.45 33.98 -18.21
C TYR B 472 -3.81 33.55 -16.90
N TRP B 473 -4.61 33.04 -15.96
CA TRP B 473 -4.04 32.49 -14.73
C TRP B 473 -3.00 31.41 -15.03
N TYR B 474 -3.35 30.46 -15.89
CA TYR B 474 -2.43 29.37 -16.19
C TYR B 474 -1.24 29.85 -16.98
N GLN B 475 -1.44 30.87 -17.82
CA GLN B 475 -0.32 31.48 -18.53
C GLN B 475 0.70 32.03 -17.53
N ARG B 476 0.20 32.64 -16.45
CA ARG B 476 1.02 33.14 -15.36
C ARG B 476 1.76 32.01 -14.65
N VAL B 477 1.07 30.90 -14.36
CA VAL B 477 1.69 29.75 -13.74
C VAL B 477 2.88 29.26 -14.56
N ILE B 478 2.68 29.10 -15.87
CA ILE B 478 3.75 28.59 -16.71
C ILE B 478 4.91 29.56 -16.76
N GLU B 479 4.61 30.87 -16.81
CA GLU B 479 5.64 31.89 -16.86
C GLU B 479 6.60 31.75 -15.70
N THR B 480 6.06 31.54 -14.50
CA THR B 480 6.84 31.50 -13.27
C THR B 480 7.23 30.08 -12.86
N ASN B 481 7.08 29.11 -13.75
CA ASN B 481 7.34 27.70 -13.44
C ASN B 481 6.66 27.29 -12.14
N GLY B 482 5.43 27.77 -11.95
CA GLY B 482 4.64 27.41 -10.79
C GLY B 482 4.91 28.22 -9.55
N ALA B 483 5.92 29.10 -9.56
CA ALA B 483 6.23 29.90 -8.38
C ALA B 483 5.10 30.87 -8.03
N GLU B 484 4.24 31.20 -8.98
CA GLU B 484 3.14 32.13 -8.73
C GLU B 484 1.83 31.46 -9.10
N LEU B 485 0.95 31.27 -8.11
CA LEU B 485 -0.32 30.59 -8.30
C LEU B 485 -1.48 31.44 -7.79
C1 BGP C . 5.95 -7.81 22.21
C2 BGP C . 7.20 -8.53 22.73
C3 BGP C . 6.97 -9.59 23.79
C4 BGP C . 5.90 -9.22 24.77
C5 BGP C . 4.62 -8.73 24.07
C6 BGP C . 3.59 -8.27 25.01
O1 BGP C . 6.30 -6.55 21.87
O2 BGP C . 7.82 -9.17 21.60
O3 BGP C . 8.20 -9.73 24.52
O4 BGP C . 6.48 -8.18 25.60
O5 BGP C . 4.93 -7.55 23.23
O6 BGP C . 3.72 -6.88 25.28
P BGP C . 3.73 -6.42 26.85
O1P BGP C . 4.56 -7.44 27.61
O2P BGP C . 4.29 -5.02 27.01
O3P BGP C . 2.29 -6.46 27.35
C1 GOL D . 6.34 -7.20 -7.24
O1 GOL D . 7.37 -7.41 -8.17
C2 GOL D . 6.95 -7.06 -5.85
O2 GOL D . 8.17 -6.35 -5.93
C3 GOL D . 6.00 -6.31 -4.95
O3 GOL D . 6.46 -6.40 -3.61
C1 GOL E . 18.54 6.75 -0.39
O1 GOL E . 19.31 7.88 -0.74
C2 GOL E . 17.11 7.22 -0.10
O2 GOL E . 16.41 7.36 -1.32
C3 GOL E . 16.42 6.13 0.71
O3 GOL E . 15.15 5.88 0.13
C1 GOL F . 7.68 1.89 15.08
O1 GOL F . 6.82 1.07 14.35
C2 GOL F . 6.89 2.58 16.18
O2 GOL F . 6.24 1.60 16.97
C3 GOL F . 7.82 3.37 17.07
O3 GOL F . 7.66 2.92 18.42
C1 GOL G . 29.19 2.51 25.73
O1 GOL G . 27.83 2.90 25.71
C2 GOL G . 30.11 3.60 25.19
O2 GOL G . 31.39 3.44 25.74
C3 GOL G . 30.26 3.48 23.67
O3 GOL G . 31.53 2.92 23.41
C1 GOL H . 31.62 -17.49 10.03
O1 GOL H . 32.52 -17.59 11.12
C2 GOL H . 30.61 -16.37 10.25
O2 GOL H . 30.97 -15.56 11.37
C3 GOL H . 30.52 -15.52 8.98
O3 GOL H . 29.67 -16.13 8.02
C1 GOL I . 1.57 -4.76 17.36
O1 GOL I . 0.17 -4.69 17.06
C2 GOL I . 2.08 -3.78 18.43
O2 GOL I . 3.10 -2.92 17.96
C3 GOL I . 0.98 -2.97 19.14
O3 GOL I . 1.11 -3.16 20.55
N1 IMD J . 6.90 1.53 35.74
C2 IMD J . 7.89 2.27 35.17
N3 IMD J . 8.25 1.69 34.00
C4 IMD J . 7.48 0.59 33.82
C5 IMD J . 6.63 0.49 34.91
N1 IMD K . 16.58 6.36 35.13
C2 IMD K . 16.28 5.44 36.08
N3 IMD K . 14.95 5.51 36.34
C4 IMD K . 14.41 6.47 35.53
C5 IMD K . 15.45 7.01 34.77
N1 IMD L . 11.19 17.67 2.92
C2 IMD L . 10.64 18.57 3.78
N3 IMD L . 9.55 17.99 4.35
C4 IMD L . 9.42 16.74 3.85
C5 IMD L . 10.46 16.54 2.94
C1 BGP M . -11.69 11.32 -18.48
C2 BGP M . -11.50 11.13 -19.99
C3 BGP M . -11.67 12.38 -20.81
C4 BGP M . -12.79 13.25 -20.33
C5 BGP M . -12.50 13.70 -18.88
C6 BGP M . -13.65 14.24 -18.12
O1 BGP M . -12.85 10.77 -18.10
O2 BGP M . -10.18 10.59 -20.23
O3 BGP M . -11.91 12.02 -22.17
O4 BGP M . -14.06 12.58 -20.50
O5 BGP M . -11.80 12.71 -18.02
O6 BGP M . -14.63 13.26 -17.89
P BGP M . -16.17 13.72 -18.24
O1P BGP M . -16.62 14.85 -17.34
O2P BGP M . -17.12 12.53 -18.12
O3P BGP M . -16.15 14.21 -19.68
C1 GOL N . 8.00 -2.58 -5.26
O1 GOL N . 7.75 -1.45 -6.08
C2 GOL N . 9.30 -3.26 -5.67
O2 GOL N . 9.33 -3.43 -7.07
C3 GOL N . 10.50 -2.44 -5.25
O3 GOL N . 11.64 -3.27 -5.35
C1 GOL O . -13.96 0.43 -12.40
O1 GOL O . -15.26 0.96 -12.39
C2 GOL O . -13.11 1.37 -11.55
O2 GOL O . -13.44 2.71 -11.87
C3 GOL O . -11.64 1.11 -11.85
O3 GOL O . -10.88 2.06 -11.18
C1 GOL P . -20.53 3.58 8.88
O1 GOL P . -20.95 2.32 8.40
C2 GOL P . -20.60 3.61 10.41
O2 GOL P . -19.31 3.64 10.98
C3 GOL P . -21.39 4.84 10.86
O3 GOL P . -21.33 4.92 12.27
C1 GOL Q . -2.00 -15.32 -9.30
O1 GOL Q . -3.06 -16.26 -9.40
C2 GOL Q . -2.37 -14.09 -10.12
O2 GOL Q . -3.02 -13.16 -9.29
C3 GOL Q . -1.09 -13.43 -10.67
O3 GOL Q . -1.41 -12.33 -11.50
N1 IMD R . -18.74 23.41 -8.65
C2 IMD R . -19.49 23.22 -7.54
N3 IMD R . -19.05 24.07 -6.58
C4 IMD R . -18.03 24.81 -7.09
C5 IMD R . -17.83 24.38 -8.40
#